data_8F5D
#
_entry.id   8F5D
#
_cell.length_a   105.636
_cell.length_b   111.106
_cell.length_c   219.151
_cell.angle_alpha   90.000
_cell.angle_beta   90.000
_cell.angle_gamma   90.000
#
_symmetry.space_group_name_H-M   'I 2 2 2'
#
loop_
_entity.id
_entity.type
_entity.pdbx_description
1 polymer 'Multifunctional fusion protein'
2 non-polymer 'SULFATE ION'
3 water water
#
_entity_poly.entity_id   1
_entity_poly.type   'polypeptide(L)'
_entity_poly.pdbx_seq_one_letter_code
;MGSPTNRLNAVQRQHLDQALAWLRGCVAPTADLRLDSREIEPGDVFVACPGLASDGRQFMDQALARGASAILYETEGASV
APVGAQALPVAQLRTLLGALADEWYGRPSQDLSVVAITGTNGKTSCTQWLAQVLTRMGKPCGSIGTLGALLPDGQSLGGS
LTTPDVLTMHRTLARMRAAGARAVALEASSIGIEQGRLDHIRIAVAGFTNLTRDHLDYHGTMQRYEQAKAALFQWPDLQA
AVVNADDPAGERLLASLPAALKTGYSLQGAPADVHARDLQATAHGQVFTLALPDGEAQIVTRLLGQHNISNLLLVAGALS
KLGWPLPQIARELAAISPVDGRLQAVTPVPLQHLTAGAQGALVVVDYAHTPDALARALTALRPVAQARGGRLVCVFGCGG
ERDPGKRPEMGRIAVERADRVVVTSDNPRSESPQDIIDQILAGIPAGMRAAVQPDRALAIMQTLWSAAPDDVILLAGKGH
ETYQDIGGRKLPFDDRQWARLALLLPHAGAVSTDTRRIGRGELFVALSGENFDGHDYLPQAQSAGACAAVVAHPVADVAL
PQLVLGDTLAALGRMGTAWRSSFTLPVVAVTGSNGKTTTKEMISAILAQWQGDDGRLATAGNFNNEIGVPLTLLRLRARH
RAAVFELGMNHPGEIERLAAMAAPTVALVTNAQREHQEFMHTVEAVAHENGAVIGALPEDGVAVYPGDEPYAAIWDKLAG
ARRVLRFGLQPGLDVYAERVVTQAHGTQCGVVTPAGSAGLDLPVPGLHNLRNALAAIACGLAAGAPLHTCIAALAGFQAV
AGR
;
_entity_poly.pdbx_strand_id   A
#
loop_
_chem_comp.id
_chem_comp.type
_chem_comp.name
_chem_comp.formula
SO4 non-polymer 'SULFATE ION' 'O4 S -2'
#
# COMPACT_ATOMS: atom_id res chain seq x y z
N PRO A 4 -1.66 16.11 36.40
CA PRO A 4 -1.54 17.30 37.23
C PRO A 4 -1.37 16.94 38.68
N THR A 5 -0.14 16.74 39.15
CA THR A 5 0.01 16.11 40.45
C THR A 5 -0.50 17.12 41.47
N ASN A 6 -1.61 16.80 42.14
CA ASN A 6 -2.04 17.54 43.30
C ASN A 6 -1.30 17.12 44.56
N ARG A 7 -0.69 18.09 45.22
CA ARG A 7 0.01 17.92 46.49
C ARG A 7 -0.98 17.68 47.62
N LEU A 8 -1.05 16.45 48.10
CA LEU A 8 -1.95 16.13 49.20
C LEU A 8 -1.44 16.74 50.49
N ASN A 9 -2.31 17.47 51.18
CA ASN A 9 -2.03 17.94 52.52
C ASN A 9 -2.02 16.78 53.51
N ALA A 10 -1.51 17.08 54.72
CA ALA A 10 -1.27 16.06 55.73
C ALA A 10 -2.51 15.24 56.03
N VAL A 11 -3.68 15.87 55.99
CA VAL A 11 -4.92 15.17 56.30
C VAL A 11 -5.30 14.23 55.16
N GLN A 12 -5.20 14.71 53.91
CA GLN A 12 -5.44 13.84 52.76
C GLN A 12 -4.48 12.66 52.75
N ARG A 13 -3.22 12.90 53.10
CA ARG A 13 -2.25 11.80 53.17
C ARG A 13 -2.65 10.79 54.24
N GLN A 14 -3.07 11.29 55.41
CA GLN A 14 -3.56 10.41 56.47
C GLN A 14 -4.75 9.58 55.98
N HIS A 15 -5.71 10.23 55.31
CA HIS A 15 -6.86 9.53 54.77
C HIS A 15 -6.42 8.48 53.76
N LEU A 16 -5.43 8.82 52.93
CA LEU A 16 -4.88 7.88 51.97
C LEU A 16 -4.28 6.67 52.69
N ASP A 17 -3.48 6.93 53.72
CA ASP A 17 -2.82 5.87 54.47
C ASP A 17 -3.84 4.93 55.11
N GLN A 18 -4.97 5.48 55.58
CA GLN A 18 -6.02 4.64 56.15
C GLN A 18 -6.60 3.72 55.08
N ALA A 19 -6.88 4.27 53.90
CA ALA A 19 -7.42 3.47 52.81
C ALA A 19 -6.42 2.41 52.37
N LEU A 20 -5.14 2.78 52.27
CA LEU A 20 -4.11 1.83 51.87
C LEU A 20 -3.95 0.72 52.91
N ALA A 21 -3.88 1.09 54.19
CA ALA A 21 -3.75 0.09 55.23
C ALA A 21 -4.92 -0.90 55.21
N TRP A 22 -6.14 -0.40 54.97
CA TRP A 22 -7.29 -1.30 54.90
C TRP A 22 -7.19 -2.21 53.68
N LEU A 23 -6.94 -1.62 52.51
CA LEU A 23 -6.80 -2.41 51.29
C LEU A 23 -5.68 -3.45 51.41
N ARG A 24 -4.58 -3.07 52.07
CA ARG A 24 -3.44 -3.96 52.21
C ARG A 24 -3.73 -5.13 53.14
N GLY A 25 -4.74 -5.01 53.99
CA GLY A 25 -5.12 -6.02 54.96
C GLY A 25 -6.13 -7.04 54.48
N CYS A 26 -6.79 -6.80 53.34
CA CYS A 26 -7.96 -7.56 52.94
C CYS A 26 -7.92 -8.05 51.49
N VAL A 27 -6.94 -7.64 50.69
CA VAL A 27 -6.83 -8.12 49.32
C VAL A 27 -5.38 -8.54 49.06
N ALA A 28 -5.20 -9.36 48.04
CA ALA A 28 -3.87 -9.81 47.62
C ALA A 28 -3.01 -8.64 47.15
N PRO A 29 -1.72 -8.62 47.48
CA PRO A 29 -0.82 -7.56 46.99
C PRO A 29 -0.79 -7.42 45.48
N THR A 30 -1.32 -8.39 44.74
CA THR A 30 -1.31 -8.36 43.28
C THR A 30 -2.63 -7.85 42.72
N ALA A 31 -3.55 -7.45 43.58
CA ALA A 31 -4.86 -6.99 43.14
C ALA A 31 -4.74 -5.70 42.34
N ASP A 32 -5.47 -5.64 41.23
CA ASP A 32 -5.53 -4.44 40.42
C ASP A 32 -6.68 -3.56 40.89
N LEU A 33 -6.45 -2.26 40.97
CA LEU A 33 -7.52 -1.32 41.26
C LEU A 33 -8.18 -0.91 39.94
N ARG A 34 -9.50 -1.04 39.88
CA ARG A 34 -10.26 -0.77 38.66
C ARG A 34 -11.42 0.18 38.94
N LEU A 35 -11.63 1.11 38.02
CA LEU A 35 -12.73 2.07 38.10
C LEU A 35 -13.95 1.62 37.28
N ASP A 36 -13.76 0.66 36.37
CA ASP A 36 -14.82 0.20 35.47
C ASP A 36 -15.25 -1.20 35.87
N SER A 37 -16.47 -1.31 36.42
CA SER A 37 -16.98 -2.58 36.91
C SER A 37 -16.99 -3.67 35.85
N ARG A 38 -16.99 -3.29 34.57
CA ARG A 38 -17.02 -4.29 33.51
C ARG A 38 -15.68 -4.99 33.38
N GLU A 39 -14.61 -4.37 33.86
CA GLU A 39 -13.26 -4.89 33.73
C GLU A 39 -12.80 -5.62 34.99
N ILE A 40 -13.67 -5.73 36.01
CA ILE A 40 -13.31 -6.37 37.26
C ILE A 40 -13.08 -7.87 37.03
N GLU A 41 -11.93 -8.35 37.49
CA GLU A 41 -11.58 -9.75 37.62
C GLU A 41 -11.47 -10.15 39.09
N PRO A 42 -11.73 -11.43 39.42
CA PRO A 42 -11.61 -11.88 40.83
C PRO A 42 -10.32 -11.47 41.49
N GLY A 43 -10.46 -10.77 42.62
CA GLY A 43 -9.34 -10.30 43.42
C GLY A 43 -9.09 -8.81 43.30
N ASP A 44 -9.73 -8.16 42.34
CA ASP A 44 -9.59 -6.72 42.12
C ASP A 44 -10.40 -5.91 43.12
N VAL A 45 -10.04 -4.63 43.23
CA VAL A 45 -10.76 -3.65 44.04
C VAL A 45 -11.52 -2.69 43.12
N PHE A 46 -12.84 -2.63 43.28
CA PHE A 46 -13.67 -1.68 42.53
C PHE A 46 -13.68 -0.33 43.25
N VAL A 47 -13.19 0.70 42.57
CA VAL A 47 -13.19 2.07 43.09
C VAL A 47 -14.37 2.82 42.49
N ALA A 48 -15.42 3.02 43.28
CA ALA A 48 -16.67 3.58 42.78
C ALA A 48 -16.70 5.08 43.07
N CYS A 49 -16.45 5.91 42.05
CA CYS A 49 -16.50 7.38 42.20
C CYS A 49 -17.46 7.98 41.16
N PRO A 50 -18.75 7.62 41.21
CA PRO A 50 -19.76 8.28 40.37
C PRO A 50 -19.86 9.79 40.56
N SER A 54 -26.90 8.37 38.26
CA SER A 54 -27.02 8.57 39.69
C SER A 54 -27.21 7.27 40.47
N ASP A 55 -26.95 6.09 39.88
CA ASP A 55 -27.03 4.88 40.70
C ASP A 55 -25.81 3.96 40.56
N GLY A 56 -24.93 4.09 41.55
CA GLY A 56 -23.69 3.32 41.70
C GLY A 56 -23.89 1.81 41.73
N ARG A 57 -25.11 1.36 42.03
CA ARG A 57 -25.48 -0.05 42.19
C ARG A 57 -25.43 -0.89 40.93
N GLN A 58 -25.57 -0.30 39.75
CA GLN A 58 -25.51 -1.17 38.58
C GLN A 58 -24.10 -1.66 38.32
N PHE A 59 -23.12 -1.06 39.00
CA PHE A 59 -21.69 -1.30 38.81
C PHE A 59 -21.10 -1.98 40.02
N MET A 60 -21.50 -1.52 41.20
CA MET A 60 -20.99 -2.08 42.45
C MET A 60 -21.40 -3.54 42.57
N ASP A 61 -22.64 -3.84 42.18
CA ASP A 61 -23.14 -5.22 42.18
C ASP A 61 -22.40 -6.06 41.15
N GLN A 62 -22.20 -5.50 39.95
CA GLN A 62 -21.46 -6.20 38.90
C GLN A 62 -20.05 -6.52 39.36
N ALA A 63 -19.36 -5.53 39.94
CA ALA A 63 -18.01 -5.79 40.42
C ALA A 63 -18.01 -6.89 41.47
N LEU A 64 -19.00 -6.88 42.36
CA LEU A 64 -19.11 -7.96 43.33
C LEU A 64 -19.43 -9.27 42.63
N ALA A 65 -20.32 -9.24 41.63
CA ALA A 65 -20.65 -10.46 40.89
C ALA A 65 -19.45 -10.98 40.14
N ARG A 66 -18.52 -10.09 39.77
CA ARG A 66 -17.34 -10.43 38.99
C ARG A 66 -16.14 -10.71 39.88
N GLY A 67 -16.32 -10.55 41.19
CA GLY A 67 -15.34 -11.00 42.15
C GLY A 67 -14.57 -9.91 42.86
N ALA A 68 -15.02 -8.66 42.80
CA ALA A 68 -14.34 -7.60 43.53
C ALA A 68 -14.27 -7.93 45.01
N SER A 69 -13.08 -7.78 45.57
CA SER A 69 -12.79 -8.09 46.97
C SER A 69 -13.05 -6.92 47.92
N ALA A 70 -13.14 -5.70 47.41
CA ALA A 70 -13.40 -4.53 48.23
C ALA A 70 -13.90 -3.39 47.36
N ILE A 71 -14.68 -2.50 47.97
CA ILE A 71 -15.23 -1.32 47.31
C ILE A 71 -14.85 -0.08 48.11
N LEU A 72 -14.19 0.87 47.44
CA LEU A 72 -14.01 2.22 47.93
C LEU A 72 -15.10 3.12 47.35
N TYR A 73 -15.88 3.78 48.21
CA TYR A 73 -16.95 4.65 47.75
C TYR A 73 -16.92 6.02 48.42
N GLU A 74 -17.25 7.06 47.65
CA GLU A 74 -17.27 8.44 48.12
C GLU A 74 -18.47 8.75 49.02
N THR A 75 -18.23 9.36 50.17
CA THR A 75 -19.34 9.46 51.11
C THR A 75 -20.21 10.69 50.86
N GLU A 76 -19.72 11.66 50.07
CA GLU A 76 -20.51 12.86 49.79
C GLU A 76 -21.41 12.60 48.60
N GLY A 77 -22.70 12.41 48.84
CA GLY A 77 -23.59 12.31 47.72
C GLY A 77 -23.93 10.94 47.21
N ALA A 78 -23.57 9.87 47.91
CA ALA A 78 -23.86 8.55 47.38
C ALA A 78 -25.14 7.94 47.94
N SER A 79 -26.08 7.69 47.03
CA SER A 79 -27.32 6.97 47.31
C SER A 79 -27.19 5.52 46.85
N VAL A 80 -25.98 4.97 46.93
CA VAL A 80 -25.73 3.55 46.78
C VAL A 80 -24.73 3.10 47.84
N ALA A 81 -24.98 1.90 48.39
CA ALA A 81 -24.02 1.16 49.20
C ALA A 81 -24.58 -0.24 49.47
N PRO A 82 -23.93 -1.30 48.99
CA PRO A 82 -24.40 -2.66 49.25
C PRO A 82 -24.53 -2.94 50.74
N VAL A 83 -25.50 -3.80 51.08
CA VAL A 83 -25.66 -4.30 52.44
C VAL A 83 -24.49 -5.21 52.76
N GLY A 84 -23.54 -4.72 53.56
CA GLY A 84 -22.65 -5.59 54.29
C GLY A 84 -21.69 -6.28 53.34
N ALA A 85 -20.72 -5.55 52.83
CA ALA A 85 -19.57 -6.14 52.16
C ALA A 85 -18.30 -5.48 52.70
N GLN A 86 -17.19 -5.66 51.99
CA GLN A 86 -15.97 -4.90 52.27
C GLN A 86 -16.02 -3.54 51.58
N ALA A 87 -16.84 -2.65 52.14
CA ALA A 87 -16.98 -1.30 51.62
C ALA A 87 -16.20 -0.36 52.52
N LEU A 88 -15.42 0.53 51.93
CA LEU A 88 -14.65 1.50 52.72
C LEU A 88 -15.06 2.89 52.29
N PRO A 89 -15.62 3.71 53.17
CA PRO A 89 -15.87 5.11 52.82
C PRO A 89 -14.57 5.90 52.76
N VAL A 90 -14.38 6.64 51.67
CA VAL A 90 -13.17 7.46 51.49
C VAL A 90 -13.57 8.88 51.11
N ALA A 91 -13.24 9.84 51.97
CA ALA A 91 -13.51 11.25 51.68
C ALA A 91 -12.67 11.70 50.49
N GLN A 92 -13.30 12.43 49.55
CA GLN A 92 -12.58 13.00 48.40
C GLN A 92 -11.91 11.93 47.55
N LEU A 93 -12.52 10.75 47.45
CA LEU A 93 -11.90 9.63 46.75
C LEU A 93 -11.40 10.01 45.36
N ARG A 94 -12.14 10.88 44.66
CA ARG A 94 -11.74 11.28 43.32
C ARG A 94 -10.36 11.95 43.33
N THR A 95 -10.10 12.80 44.33
CA THR A 95 -8.85 13.55 44.39
C THR A 95 -7.65 12.72 44.82
N LEU A 96 -7.84 11.51 45.34
CA LEU A 96 -6.75 10.70 45.86
C LEU A 96 -6.35 9.57 44.92
N LEU A 97 -7.07 9.37 43.81
CA LEU A 97 -6.88 8.19 42.99
C LEU A 97 -5.44 8.07 42.50
N GLY A 98 -4.85 9.17 42.04
CA GLY A 98 -3.48 9.12 41.58
C GLY A 98 -2.53 8.68 42.67
N ALA A 99 -2.64 9.29 43.85
CA ALA A 99 -1.80 8.90 44.98
C ALA A 99 -2.09 7.47 45.40
N LEU A 100 -3.37 7.11 45.45
CA LEU A 100 -3.75 5.75 45.80
C LEU A 100 -3.13 4.75 44.83
N ALA A 101 -3.26 5.01 43.53
CA ALA A 101 -2.71 4.11 42.53
C ALA A 101 -1.19 4.09 42.61
N ASP A 102 -0.57 5.27 42.78
CA ASP A 102 0.87 5.36 42.89
C ASP A 102 1.39 4.49 44.03
N GLU A 103 0.71 4.54 45.18
CA GLU A 103 1.15 3.79 46.36
C GLU A 103 0.81 2.32 46.23
N TRP A 104 -0.35 2.01 45.62
CA TRP A 104 -0.78 0.61 45.52
C TRP A 104 0.15 -0.19 44.62
N TYR A 105 0.68 0.44 43.56
CA TYR A 105 1.51 -0.25 42.58
C TYR A 105 3.00 -0.01 42.85
N GLY A 106 3.34 0.47 44.05
CA GLY A 106 4.73 0.55 44.44
C GLY A 106 5.42 1.76 43.87
N ARG A 107 4.69 2.84 43.61
CA ARG A 107 5.22 4.09 43.09
C ARG A 107 5.96 3.82 41.78
N PRO A 108 5.26 3.32 40.76
CA PRO A 108 5.98 2.86 39.56
C PRO A 108 6.76 3.97 38.87
N SER A 109 6.29 5.22 38.95
CA SER A 109 6.97 6.26 38.21
C SER A 109 8.20 6.73 38.95
N GLN A 110 8.31 6.40 40.24
CA GLN A 110 9.47 6.78 41.04
C GLN A 110 10.72 6.08 40.52
N ASP A 111 10.56 4.89 39.92
CA ASP A 111 11.68 4.09 39.48
C ASP A 111 11.82 4.07 37.97
N LEU A 112 10.96 4.80 37.26
CA LEU A 112 10.98 4.89 35.81
C LEU A 112 11.33 6.33 35.44
N SER A 113 12.19 6.50 34.45
CA SER A 113 12.33 7.81 33.80
C SER A 113 11.16 8.00 32.84
N VAL A 114 10.13 8.73 33.26
CA VAL A 114 8.94 8.91 32.45
C VAL A 114 9.13 10.17 31.62
N VAL A 115 9.08 10.03 30.30
CA VAL A 115 9.07 11.14 29.36
C VAL A 115 7.68 11.29 28.75
N ALA A 116 7.01 12.41 29.02
CA ALA A 116 5.68 12.63 28.48
C ALA A 116 5.79 13.68 27.37
N ILE A 117 5.34 13.31 26.17
CA ILE A 117 5.44 14.14 24.97
C ILE A 117 4.05 14.57 24.54
N THR A 118 3.85 15.87 24.37
CA THR A 118 2.58 16.41 23.87
C THR A 118 2.77 17.25 22.61
N GLY A 119 1.68 17.41 21.88
CA GLY A 119 1.66 18.16 20.63
C GLY A 119 0.63 17.60 19.66
N THR A 120 0.59 18.22 18.49
CA THR A 120 -0.34 17.86 17.41
C THR A 120 0.19 16.82 16.43
N ASN A 121 1.44 16.96 15.98
CA ASN A 121 2.01 16.06 15.00
C ASN A 121 3.37 15.53 15.44
N GLY A 122 3.55 15.33 16.73
CA GLY A 122 4.76 14.67 17.18
C GLY A 122 4.63 13.76 18.38
N LYS A 123 3.44 13.60 18.96
CA LYS A 123 3.37 12.73 20.12
C LYS A 123 3.68 11.29 19.75
N THR A 124 3.01 10.75 18.73
CA THR A 124 3.21 9.36 18.38
C THR A 124 4.63 9.06 17.88
N SER A 125 5.13 9.88 16.97
CA SER A 125 6.48 9.69 16.44
C SER A 125 7.56 9.82 17.51
N CYS A 126 7.51 10.89 18.29
CA CYS A 126 8.55 11.15 19.28
C CYS A 126 8.58 10.09 20.38
N THR A 127 7.41 9.74 20.93
CA THR A 127 7.36 8.76 22.01
C THR A 127 7.85 7.40 21.54
N GLN A 128 7.49 7.00 20.32
CA GLN A 128 7.90 5.71 19.80
C GLN A 128 9.38 5.70 19.45
N TRP A 129 9.88 6.78 18.85
CA TRP A 129 11.30 6.80 18.49
C TRP A 129 12.17 6.86 19.75
N LEU A 130 11.71 7.57 20.77
CA LEU A 130 12.42 7.58 22.05
C LEU A 130 12.43 6.18 22.67
N ALA A 131 11.30 5.48 22.64
CA ALA A 131 11.24 4.12 23.18
C ALA A 131 12.17 3.21 22.40
N GLN A 132 12.19 3.36 21.07
CA GLN A 132 13.06 2.54 20.22
C GLN A 132 14.52 2.81 20.53
N VAL A 133 14.89 4.08 20.59
CA VAL A 133 16.30 4.47 20.70
C VAL A 133 16.85 4.15 22.09
N LEU A 134 16.07 4.46 23.13
CA LEU A 134 16.53 4.19 24.49
C LEU A 134 16.74 2.69 24.71
N THR A 135 15.84 1.87 24.18
CA THR A 135 16.03 0.43 24.31
C THR A 135 17.31 0.00 23.61
N ARG A 136 17.61 0.60 22.47
CA ARG A 136 18.82 0.22 21.74
C ARG A 136 20.06 0.76 22.45
N MET A 137 19.89 1.82 23.25
CA MET A 137 20.99 2.45 23.98
C MET A 137 21.17 1.86 25.36
N GLY A 138 20.40 0.82 25.70
CA GLY A 138 20.58 0.06 26.91
C GLY A 138 19.68 0.43 28.07
N LYS A 139 18.71 1.33 27.87
CA LYS A 139 17.69 1.64 28.87
C LYS A 139 16.32 1.18 28.37
N PRO A 140 15.94 -0.09 28.63
CA PRO A 140 14.65 -0.59 28.11
C PRO A 140 13.47 0.33 28.36
N CYS A 141 12.85 0.82 27.29
CA CYS A 141 11.81 1.83 27.37
C CYS A 141 10.51 1.32 26.74
N GLY A 142 9.41 1.34 27.53
CA GLY A 142 8.09 1.09 27.00
C GLY A 142 7.42 2.36 26.44
N SER A 143 6.39 2.15 25.63
CA SER A 143 5.61 3.25 25.06
C SER A 143 4.10 3.08 25.27
N ILE A 144 3.43 4.21 25.52
CA ILE A 144 1.98 4.32 25.67
C ILE A 144 1.49 5.41 24.72
N GLY A 145 0.54 5.06 23.86
CA GLY A 145 -0.02 6.03 22.93
C GLY A 145 -0.97 5.38 21.95
N THR A 146 -1.08 5.99 20.76
CA THR A 146 -2.06 5.57 19.77
C THR A 146 -1.97 4.08 19.47
N LEU A 147 -0.79 3.48 19.57
CA LEU A 147 -0.61 2.07 19.28
C LEU A 147 -0.75 1.18 20.51
N GLY A 148 -1.16 1.74 21.64
CA GLY A 148 -1.28 0.95 22.86
C GLY A 148 -0.05 1.05 23.72
N ALA A 149 -0.06 0.25 24.79
CA ALA A 149 1.08 0.16 25.70
C ALA A 149 1.95 -1.02 25.29
N LEU A 150 3.17 -0.73 24.88
CA LEU A 150 4.11 -1.71 24.36
C LEU A 150 5.29 -1.85 25.32
N LEU A 151 5.69 -3.09 25.56
CA LEU A 151 6.90 -3.38 26.32
C LEU A 151 8.13 -3.13 25.45
N PRO A 152 9.32 -3.03 26.06
CA PRO A 152 10.53 -2.77 25.28
C PRO A 152 10.73 -3.75 24.13
N ASP A 153 10.23 -4.98 24.26
CA ASP A 153 10.40 -5.99 23.24
C ASP A 153 9.27 -5.97 22.21
N GLY A 154 8.32 -5.04 22.36
CA GLY A 154 7.28 -4.81 21.38
C GLY A 154 5.96 -5.49 21.66
N GLN A 155 5.90 -6.40 22.64
CA GLN A 155 4.64 -7.03 23.02
C GLN A 155 3.63 -6.00 23.51
N SER A 156 2.42 -6.10 22.98
CA SER A 156 1.33 -5.17 23.31
C SER A 156 0.64 -5.57 24.61
N LEU A 157 0.45 -4.59 25.49
CA LEU A 157 -0.33 -4.80 26.71
C LEU A 157 -1.78 -4.37 26.51
N PRO A 164 -6.72 6.33 28.75
CA PRO A 164 -6.46 5.53 29.95
C PRO A 164 -6.50 6.35 31.25
N ASP A 165 -7.47 6.00 32.09
CA ASP A 165 -7.66 6.58 33.41
C ASP A 165 -6.44 6.33 34.31
N VAL A 166 -6.38 7.10 35.39
CA VAL A 166 -5.20 7.25 36.25
C VAL A 166 -4.76 5.91 36.82
N LEU A 167 -5.70 5.03 37.12
CA LEU A 167 -5.34 3.73 37.68
C LEU A 167 -4.66 2.87 36.62
N THR A 168 -5.20 2.85 35.40
CA THR A 168 -4.57 2.11 34.32
C THR A 168 -3.16 2.63 34.04
N MET A 169 -2.97 3.96 34.09
CA MET A 169 -1.64 4.52 33.86
C MET A 169 -0.62 3.95 34.83
N HIS A 170 -0.91 4.02 36.14
CA HIS A 170 0.01 3.51 37.14
C HIS A 170 0.16 2.00 37.02
N ARG A 171 -0.94 1.31 36.74
CA ARG A 171 -0.93 -0.13 36.52
C ARG A 171 -0.03 -0.50 35.33
N THR A 172 -0.14 0.23 34.22
CA THR A 172 0.68 -0.05 33.05
C THR A 172 2.16 0.15 33.36
N LEU A 173 2.50 1.22 34.06
CA LEU A 173 3.89 1.44 34.47
C LEU A 173 4.40 0.28 35.32
N ALA A 174 3.56 -0.22 36.24
CA ALA A 174 3.96 -1.34 37.08
C ALA A 174 4.26 -2.59 36.26
N ARG A 175 3.44 -2.88 35.25
CA ARG A 175 3.69 -4.06 34.43
C ARG A 175 4.98 -3.91 33.63
N MET A 176 5.22 -2.72 33.08
CA MET A 176 6.46 -2.47 32.34
C MET A 176 7.67 -2.64 33.24
N ARG A 177 7.61 -2.08 34.45
CA ARG A 177 8.70 -2.25 35.41
C ARG A 177 8.95 -3.73 35.70
N ALA A 178 7.87 -4.49 35.94
CA ALA A 178 8.02 -5.91 36.22
C ALA A 178 8.66 -6.64 35.05
N ALA A 179 8.47 -6.15 33.83
CA ALA A 179 9.01 -6.77 32.63
C ALA A 179 10.39 -6.26 32.31
N GLY A 180 10.93 -5.36 33.14
CA GLY A 180 12.30 -4.92 33.07
C GLY A 180 12.50 -3.55 32.46
N ALA A 181 11.42 -2.82 32.17
CA ALA A 181 11.54 -1.47 31.64
C ALA A 181 12.15 -0.55 32.68
N ARG A 182 13.02 0.35 32.23
CA ARG A 182 13.65 1.35 33.08
C ARG A 182 13.27 2.78 32.72
N ALA A 183 12.57 2.98 31.61
CA ALA A 183 12.10 4.29 31.17
C ALA A 183 10.78 4.10 30.44
N VAL A 184 9.93 5.12 30.46
CA VAL A 184 8.68 5.08 29.72
C VAL A 184 8.45 6.40 28.99
N ALA A 185 8.26 6.33 27.68
CA ALA A 185 7.79 7.42 26.84
C ALA A 185 6.29 7.30 26.62
N LEU A 186 5.53 8.35 26.95
CA LEU A 186 4.08 8.31 26.85
C LEU A 186 3.58 9.58 26.19
N GLU A 187 2.52 9.43 25.39
CA GLU A 187 1.86 10.59 24.77
C GLU A 187 0.97 11.29 25.77
N ALA A 188 1.18 12.60 25.93
CA ALA A 188 0.38 13.42 26.82
C ALA A 188 -0.49 14.35 26.00
N SER A 189 -1.51 14.92 26.64
CA SER A 189 -2.40 15.84 25.96
C SER A 189 -2.86 16.92 26.94
N SER A 190 -3.14 18.11 26.38
CA SER A 190 -3.62 19.21 27.21
C SER A 190 -4.88 18.80 27.97
N ILE A 191 -5.77 18.06 27.32
CA ILE A 191 -6.99 17.59 27.98
C ILE A 191 -6.64 16.62 29.11
N GLY A 192 -5.73 15.67 28.83
CA GLY A 192 -5.33 14.72 29.85
C GLY A 192 -4.71 15.39 31.06
N ILE A 193 -3.88 16.41 30.84
CA ILE A 193 -3.28 17.12 31.96
C ILE A 193 -4.35 17.82 32.77
N GLU A 194 -5.32 18.47 32.11
CA GLU A 194 -6.36 19.18 32.84
C GLU A 194 -7.32 18.23 33.55
N GLN A 195 -7.62 17.08 32.95
CA GLN A 195 -8.58 16.11 33.46
C GLN A 195 -7.98 15.17 34.50
N GLY A 196 -6.69 15.29 34.75
CA GLY A 196 -5.99 14.53 35.76
C GLY A 196 -5.58 13.11 35.46
N ARG A 197 -5.37 12.76 34.18
CA ARG A 197 -5.00 11.39 33.84
C ARG A 197 -3.58 11.06 34.27
N LEU A 198 -2.75 12.07 34.54
CA LEU A 198 -1.35 11.91 34.94
C LEU A 198 -1.09 12.18 36.43
N ASP A 199 -2.12 12.38 37.24
CA ASP A 199 -1.91 12.71 38.64
C ASP A 199 -0.97 11.70 39.31
N HIS A 200 0.05 12.23 39.99
CA HIS A 200 1.01 11.49 40.81
C HIS A 200 1.94 10.62 39.97
N ILE A 201 2.06 10.91 38.69
CA ILE A 201 3.11 10.34 37.86
C ILE A 201 4.31 11.26 37.99
N ARG A 202 5.45 10.71 38.37
CA ARG A 202 6.70 11.46 38.41
C ARG A 202 7.23 11.58 36.98
N ILE A 203 7.09 12.77 36.39
CA ILE A 203 7.48 13.00 35.00
C ILE A 203 8.89 13.58 35.02
N ALA A 204 9.82 12.88 34.38
CA ALA A 204 11.21 13.35 34.36
C ALA A 204 11.42 14.42 33.30
N VAL A 205 10.91 14.17 32.09
CA VAL A 205 11.06 15.09 30.96
C VAL A 205 9.70 15.25 30.30
N ALA A 206 9.31 16.50 30.08
CA ALA A 206 8.14 16.84 29.28
C ALA A 206 8.63 17.39 27.95
N GLY A 207 8.07 16.91 26.85
CA GLY A 207 8.43 17.35 25.52
C GLY A 207 7.26 18.02 24.85
N PHE A 208 7.52 19.12 24.17
CA PHE A 208 6.53 19.87 23.43
C PHE A 208 6.82 19.90 21.95
N THR A 209 5.85 19.43 21.17
CA THR A 209 5.92 19.33 19.71
C THR A 209 5.44 20.67 19.16
N ASN A 210 4.16 20.97 19.29
CA ASN A 210 3.67 22.25 18.78
C ASN A 210 2.35 22.58 19.46
N LEU A 211 1.95 23.84 19.29
CA LEU A 211 0.69 24.33 19.84
C LEU A 211 -0.15 25.00 18.76
N TYR A 218 -2.08 29.39 13.50
CA TYR A 218 -3.49 29.06 13.49
C TYR A 218 -4.27 30.03 14.39
N HIS A 219 -5.43 30.48 13.90
CA HIS A 219 -6.19 31.56 14.54
C HIS A 219 -7.15 30.94 15.54
N GLY A 220 -6.67 30.71 16.77
CA GLY A 220 -7.52 30.22 17.83
C GLY A 220 -7.12 30.65 19.23
N THR A 221 -7.58 29.91 20.24
CA THR A 221 -7.28 30.23 21.64
C THR A 221 -6.10 29.38 22.14
N MET A 222 -4.97 29.68 21.51
CA MET A 222 -3.66 29.12 21.84
C MET A 222 -3.24 29.44 23.28
N GLN A 223 -3.71 30.57 23.80
CA GLN A 223 -3.34 31.03 25.14
C GLN A 223 -3.78 30.06 26.23
N ARG A 224 -5.02 29.57 26.20
CA ARG A 224 -5.39 28.63 27.24
C ARG A 224 -4.55 27.36 27.19
N TYR A 225 -4.24 26.87 25.99
CA TYR A 225 -3.36 25.71 25.87
C TYR A 225 -1.98 25.99 26.46
N GLU A 226 -1.34 27.10 26.06
CA GLU A 226 -0.04 27.44 26.63
C GLU A 226 -0.11 27.65 28.13
N GLN A 227 -1.09 28.43 28.60
CA GLN A 227 -1.23 28.67 30.03
C GLN A 227 -1.44 27.37 30.78
N ALA A 228 -2.27 26.48 30.22
CA ALA A 228 -2.50 25.18 30.84
C ALA A 228 -1.19 24.42 30.94
N LYS A 229 -0.43 24.43 29.84
CA LYS A 229 0.83 23.72 29.81
C LYS A 229 1.87 24.37 30.72
N ALA A 230 1.93 25.71 30.77
CA ALA A 230 2.96 26.27 31.64
C ALA A 230 2.69 25.92 33.10
N ALA A 231 1.41 25.74 33.48
CA ALA A 231 1.10 25.40 34.87
C ALA A 231 1.73 24.06 35.21
N LEU A 232 1.84 23.20 34.19
CA LEU A 232 2.43 21.87 34.22
C LEU A 232 3.89 21.91 34.61
N PHE A 233 4.56 23.02 34.32
CA PHE A 233 6.00 23.02 34.48
C PHE A 233 6.38 23.44 35.89
N GLN A 234 5.38 23.76 36.72
CA GLN A 234 5.59 23.99 38.15
C GLN A 234 5.08 22.79 38.93
N TRP A 235 5.36 21.55 38.34
CA TRP A 235 5.16 20.21 38.84
C TRP A 235 6.49 19.60 39.26
N PRO A 236 6.40 18.75 40.26
CA PRO A 236 7.58 18.18 40.89
C PRO A 236 8.19 17.08 40.06
N ASP A 237 9.51 17.04 40.20
CA ASP A 237 10.48 16.09 39.72
C ASP A 237 10.81 16.29 38.26
N LEU A 238 10.32 17.35 37.61
CA LEU A 238 10.75 17.68 36.25
C LEU A 238 12.25 17.96 36.12
N GLN A 239 12.94 17.30 35.21
CA GLN A 239 14.38 17.53 35.06
C GLN A 239 14.69 18.46 33.91
N ALA A 240 13.87 18.37 32.85
CA ALA A 240 14.01 19.11 31.61
C ALA A 240 12.67 19.26 30.89
N ALA A 241 12.55 20.38 30.16
CA ALA A 241 11.43 20.65 29.28
C ALA A 241 12.07 20.80 27.90
N VAL A 242 11.60 20.02 26.95
CA VAL A 242 12.04 20.12 25.56
C VAL A 242 10.91 20.70 24.74
N VAL A 243 11.12 21.89 24.18
CA VAL A 243 10.06 22.70 23.62
C VAL A 243 10.50 23.11 22.22
N ASN A 244 9.57 23.01 21.27
CA ASN A 244 9.84 23.43 19.90
C ASN A 244 9.95 24.95 19.84
N ALA A 245 11.13 25.44 19.51
CA ALA A 245 11.42 26.87 19.51
C ALA A 245 10.95 27.51 18.22
N ASP A 246 10.57 26.70 17.23
CA ASP A 246 10.11 27.19 15.94
C ASP A 246 8.66 27.65 15.99
N ASP A 247 7.92 27.26 17.04
CA ASP A 247 6.52 27.61 17.19
C ASP A 247 6.42 28.86 18.06
N PRO A 248 5.65 29.87 17.63
CA PRO A 248 5.56 31.11 18.44
C PRO A 248 5.14 30.87 19.88
N ALA A 249 4.14 30.02 20.10
CA ALA A 249 3.75 29.67 21.47
C ALA A 249 4.89 28.99 22.21
N GLY A 250 5.62 28.09 21.52
CA GLY A 250 6.77 27.44 22.12
C GLY A 250 7.84 28.43 22.56
N GLU A 251 8.13 29.41 21.70
CA GLU A 251 9.10 30.45 22.05
C GLU A 251 8.71 31.16 23.34
N ARG A 252 7.44 31.53 23.48
CA ARG A 252 6.99 32.19 24.69
C ARG A 252 7.15 31.29 25.91
N LEU A 253 6.87 30.00 25.76
CA LEU A 253 7.04 29.08 26.89
C LEU A 253 8.50 28.99 27.28
N LEU A 254 9.39 28.88 26.29
CA LEU A 254 10.83 28.82 26.56
C LEU A 254 11.31 30.08 27.27
N ALA A 255 10.74 31.23 26.90
CA ALA A 255 11.16 32.50 27.47
C ALA A 255 10.81 32.59 28.94
N SER A 256 9.81 31.83 29.41
CA SER A 256 9.32 31.94 30.76
C SER A 256 9.96 30.91 31.69
N LEU A 257 10.65 29.93 31.14
CA LEU A 257 11.21 28.86 31.94
C LEU A 257 12.65 29.20 32.34
N PRO A 258 13.05 28.85 33.55
CA PRO A 258 14.46 28.99 33.94
C PRO A 258 15.37 28.19 33.03
N ALA A 259 16.56 28.75 32.78
CA ALA A 259 17.53 28.16 31.85
C ALA A 259 17.87 26.72 32.23
N ALA A 260 17.83 26.38 33.51
CA ALA A 260 18.27 25.06 33.94
C ALA A 260 17.29 23.97 33.55
N LEU A 261 16.04 24.31 33.23
CA LEU A 261 15.02 23.31 32.97
C LEU A 261 14.66 23.20 31.50
N LYS A 262 14.96 24.22 30.69
CA LYS A 262 14.41 24.36 29.36
C LYS A 262 15.45 23.92 28.32
N THR A 263 15.03 23.06 27.40
CA THR A 263 15.82 22.77 26.20
C THR A 263 14.98 23.14 24.99
N GLY A 264 15.39 24.16 24.26
CA GLY A 264 14.71 24.54 23.03
C GLY A 264 15.37 23.91 21.82
N TYR A 265 14.55 23.48 20.88
CA TYR A 265 15.03 23.03 19.59
C TYR A 265 14.41 23.83 18.46
N SER A 266 15.18 24.04 17.40
CA SER A 266 14.78 24.86 16.26
C SER A 266 15.32 24.28 14.96
N LEU A 267 14.45 24.18 13.95
CA LEU A 267 14.90 23.82 12.62
C LEU A 267 15.24 25.03 11.75
N GLN A 268 14.63 26.18 12.03
CA GLN A 268 14.68 27.32 11.13
C GLN A 268 15.59 28.42 11.64
N GLY A 269 16.41 28.13 12.65
CA GLY A 269 17.50 29.01 13.03
C GLY A 269 17.19 29.97 14.18
N ALA A 270 16.04 29.85 14.81
CA ALA A 270 15.76 30.61 16.02
C ALA A 270 16.76 30.21 17.11
N PRO A 271 17.27 31.18 17.89
CA PRO A 271 18.17 30.84 19.02
C PRO A 271 17.61 29.77 19.96
N ALA A 272 18.24 28.60 19.90
CA ALA A 272 17.82 27.44 20.69
C ALA A 272 19.07 26.63 21.03
N ASP A 273 18.92 25.75 22.03
CA ASP A 273 20.04 24.93 22.47
C ASP A 273 20.31 23.79 21.48
N VAL A 274 19.25 23.28 20.85
CA VAL A 274 19.31 22.16 19.91
C VAL A 274 18.85 22.65 18.54
N HIS A 275 19.69 22.46 17.53
CA HIS A 275 19.36 22.93 16.20
C HIS A 275 19.74 21.90 15.16
N ALA A 276 19.02 21.92 14.05
CA ALA A 276 19.45 21.24 12.84
C ALA A 276 19.91 22.34 11.90
N ARG A 277 21.08 22.17 11.30
CA ARG A 277 21.54 23.12 10.30
C ARG A 277 21.86 22.41 9.00
N ASP A 278 21.90 23.22 7.94
CA ASP A 278 22.34 22.76 6.63
C ASP A 278 21.50 21.56 6.16
N LEU A 279 20.18 21.66 6.36
CA LEU A 279 19.32 20.56 5.96
C LEU A 279 19.31 20.47 4.45
N GLN A 280 19.70 19.32 3.92
CA GLN A 280 19.71 19.05 2.49
C GLN A 280 19.07 17.70 2.19
N ALA A 281 18.08 17.70 1.32
CA ALA A 281 17.51 16.46 0.82
C ALA A 281 18.46 15.86 -0.21
N THR A 282 18.65 14.55 -0.09
CA THR A 282 19.43 13.71 -0.97
C THR A 282 18.51 12.78 -1.77
N ALA A 283 19.12 11.97 -2.63
CA ALA A 283 18.35 11.06 -3.47
C ALA A 283 17.58 9.99 -2.70
N HIS A 284 17.88 9.79 -1.42
CA HIS A 284 17.31 8.69 -0.65
C HIS A 284 16.96 9.14 0.77
N GLY A 285 17.04 10.43 1.08
CA GLY A 285 16.73 10.92 2.40
C GLY A 285 17.13 12.38 2.56
N GLN A 286 17.74 12.71 3.70
CA GLN A 286 18.12 14.08 4.01
C GLN A 286 19.40 14.01 4.83
N VAL A 287 20.24 15.03 4.64
CA VAL A 287 21.47 15.22 5.40
C VAL A 287 21.45 16.58 6.08
N PHE A 288 21.72 16.59 7.39
CA PHE A 288 21.78 17.82 8.16
C PHE A 288 22.76 17.61 9.30
N THR A 289 23.28 18.73 9.81
CA THR A 289 24.14 18.72 10.98
C THR A 289 23.33 18.94 12.25
N LEU A 290 23.35 17.94 13.13
CA LEU A 290 22.68 18.07 14.42
C LEU A 290 23.61 18.80 15.38
N ALA A 291 23.15 19.95 15.88
CA ALA A 291 23.93 20.75 16.81
C ALA A 291 23.28 20.67 18.19
N LEU A 292 24.01 20.10 19.13
CA LEU A 292 23.69 20.08 20.55
C LEU A 292 24.64 20.99 21.32
N PRO A 293 24.30 21.36 22.56
CA PRO A 293 25.19 22.23 23.36
C PRO A 293 26.59 21.67 23.46
N ASP A 294 26.71 20.34 23.33
CA ASP A 294 27.92 19.61 23.63
C ASP A 294 28.66 19.17 22.36
N GLY A 295 28.22 19.63 21.20
CA GLY A 295 28.94 19.33 19.97
C GLY A 295 27.98 19.30 18.79
N GLU A 296 28.52 18.92 17.64
CA GLU A 296 27.75 18.83 16.41
C GLU A 296 28.08 17.51 15.73
N ALA A 297 27.10 16.97 15.01
CA ALA A 297 27.29 15.73 14.28
C ALA A 297 26.45 15.77 13.02
N GLN A 298 27.00 15.24 11.93
CA GLN A 298 26.26 15.14 10.69
C GLN A 298 25.36 13.90 10.75
N ILE A 299 24.09 14.07 10.39
CA ILE A 299 23.12 12.97 10.41
C ILE A 299 22.64 12.73 9.00
N VAL A 300 22.76 11.48 8.53
CA VAL A 300 22.14 11.04 7.29
C VAL A 300 20.98 10.11 7.63
N THR A 301 19.76 10.54 7.31
CA THR A 301 18.55 9.81 7.65
C THR A 301 17.72 9.62 6.38
N ARG A 302 16.87 8.61 6.40
CA ARG A 302 16.01 8.35 5.26
C ARG A 302 14.64 9.02 5.40
N LEU A 303 14.41 9.73 6.50
CA LEU A 303 13.14 10.41 6.70
C LEU A 303 12.98 11.60 5.77
N LEU A 304 11.77 11.76 5.25
CA LEU A 304 11.40 12.81 4.32
C LEU A 304 10.57 13.87 5.04
N GLY A 305 10.85 15.14 4.76
CA GLY A 305 10.01 16.19 5.32
C GLY A 305 10.57 16.87 6.54
N GLN A 306 10.37 18.19 6.62
CA GLN A 306 10.88 18.97 7.74
C GLN A 306 10.21 18.59 9.06
N HIS A 307 8.92 18.26 9.04
CA HIS A 307 8.26 17.85 10.28
C HIS A 307 8.96 16.66 10.91
N ASN A 308 9.46 15.72 10.11
CA ASN A 308 10.22 14.60 10.67
C ASN A 308 11.55 15.04 11.26
N ILE A 309 12.20 16.04 10.66
CA ILE A 309 13.43 16.59 11.23
C ILE A 309 13.18 17.23 12.59
N SER A 310 12.13 18.04 12.68
CA SER A 310 11.74 18.64 13.95
C SER A 310 11.58 17.61 15.06
N ASN A 311 10.88 16.51 14.77
CA ASN A 311 10.71 15.45 15.76
C ASN A 311 12.05 14.87 16.23
N LEU A 312 13.01 14.67 15.32
CA LEU A 312 14.31 14.17 15.76
C LEU A 312 14.98 15.15 16.72
N LEU A 313 14.81 16.45 16.47
CA LEU A 313 15.39 17.43 17.38
C LEU A 313 14.80 17.30 18.77
N LEU A 314 13.48 17.09 18.87
CA LEU A 314 12.89 16.83 20.19
C LEU A 314 13.51 15.59 20.81
N VAL A 315 13.64 14.50 20.04
CA VAL A 315 14.24 13.29 20.58
C VAL A 315 15.68 13.55 20.98
N ALA A 316 16.42 14.24 20.12
CA ALA A 316 17.81 14.57 20.42
C ALA A 316 17.93 15.45 21.65
N GLY A 317 17.08 16.47 21.76
CA GLY A 317 17.10 17.33 22.93
C GLY A 317 16.82 16.59 24.21
N ALA A 318 15.82 15.71 24.20
CA ALA A 318 15.50 14.93 25.39
C ALA A 318 16.67 14.02 25.77
N LEU A 319 17.23 13.32 24.78
CA LEU A 319 18.36 12.43 25.05
C LEU A 319 19.59 13.20 25.54
N SER A 320 19.88 14.35 24.93
CA SER A 320 21.02 15.15 25.38
C SER A 320 20.88 15.62 26.82
N LYS A 321 19.66 16.03 27.21
CA LYS A 321 19.46 16.48 28.58
C LYS A 321 19.44 15.33 29.57
N LEU A 322 19.14 14.13 29.10
CA LEU A 322 19.18 12.93 29.93
C LEU A 322 20.57 12.34 30.05
N GLY A 323 21.55 12.89 29.34
CA GLY A 323 22.93 12.55 29.56
C GLY A 323 23.56 11.65 28.54
N TRP A 324 22.90 11.44 27.39
CA TRP A 324 23.45 10.58 26.36
C TRP A 324 24.41 11.39 25.48
N PRO A 325 25.57 10.84 25.15
CA PRO A 325 26.55 11.59 24.35
C PRO A 325 26.17 11.72 22.88
N LEU A 326 26.65 12.82 22.29
CA LEU A 326 26.29 13.17 20.92
C LEU A 326 26.57 12.09 19.89
N PRO A 327 27.74 11.42 19.88
CA PRO A 327 27.96 10.40 18.85
C PRO A 327 26.93 9.28 18.89
N GLN A 328 26.54 8.86 20.10
CA GLN A 328 25.54 7.82 20.22
C GLN A 328 24.16 8.32 19.81
N ILE A 329 23.82 9.55 20.15
CA ILE A 329 22.54 10.13 19.73
C ILE A 329 22.48 10.21 18.21
N ALA A 330 23.54 10.74 17.59
CA ALA A 330 23.57 10.88 16.15
C ALA A 330 23.46 9.53 15.47
N ARG A 331 24.26 8.57 15.93
CA ARG A 331 24.24 7.22 15.36
C ARG A 331 22.86 6.60 15.43
N GLU A 332 22.17 6.74 16.58
CA GLU A 332 20.88 6.05 16.73
C GLU A 332 19.77 6.79 15.98
N LEU A 333 19.78 8.12 16.01
CA LEU A 333 18.82 8.91 15.25
C LEU A 333 18.96 8.69 13.75
N ALA A 334 20.19 8.45 13.30
CA ALA A 334 20.50 8.18 11.90
C ALA A 334 19.87 6.90 11.38
N ALA A 335 19.53 5.96 12.25
CA ALA A 335 19.09 4.64 11.82
C ALA A 335 17.58 4.47 11.87
N ILE A 336 16.84 5.53 12.17
CA ILE A 336 15.39 5.42 12.34
C ILE A 336 14.78 5.08 10.98
N SER A 337 13.79 4.19 10.98
CA SER A 337 12.97 3.80 9.85
C SER A 337 11.69 4.64 9.76
N PRO A 338 11.33 5.06 8.55
CA PRO A 338 10.09 5.83 8.36
C PRO A 338 8.87 5.09 8.87
N VAL A 339 7.91 5.88 9.36
CA VAL A 339 6.63 5.35 9.82
C VAL A 339 5.82 4.92 8.60
N ASP A 340 5.23 3.72 8.68
CA ASP A 340 4.44 3.17 7.59
C ASP A 340 3.42 4.18 7.09
N GLY A 341 3.48 4.46 5.78
CA GLY A 341 2.49 5.26 5.11
C GLY A 341 2.65 6.75 5.28
N ARG A 342 3.73 7.21 5.93
CA ARG A 342 4.05 8.62 6.07
C ARG A 342 5.34 8.89 5.33
N LEU A 343 5.22 9.24 4.04
CA LEU A 343 6.37 9.40 3.15
C LEU A 343 7.33 8.22 3.29
N GLN A 344 6.77 7.02 3.34
CA GLN A 344 7.53 5.79 3.44
C GLN A 344 8.08 5.39 2.08
N ALA A 345 9.41 5.29 1.99
CA ALA A 345 10.05 4.81 0.78
C ALA A 345 9.87 3.30 0.63
N VAL A 346 9.50 2.87 -0.56
CA VAL A 346 9.29 1.46 -0.87
C VAL A 346 10.64 0.82 -1.14
N THR A 347 10.97 -0.23 -0.40
CA THR A 347 12.24 -0.94 -0.60
C THR A 347 12.08 -2.02 -1.65
N PRO A 348 12.87 -2.00 -2.72
CA PRO A 348 12.77 -3.03 -3.75
C PRO A 348 13.17 -4.41 -3.23
N VAL A 349 12.64 -5.43 -3.89
CA VAL A 349 13.03 -6.83 -3.67
C VAL A 349 14.48 -7.05 -4.09
N PRO A 350 15.35 -7.49 -3.18
CA PRO A 350 16.77 -7.70 -3.52
C PRO A 350 16.93 -8.70 -4.66
N LEU A 351 17.60 -8.25 -5.73
CA LEU A 351 17.92 -9.10 -6.87
C LEU A 351 19.41 -9.40 -6.87
N GLN A 352 19.74 -10.70 -6.81
CA GLN A 352 21.13 -11.14 -6.68
C GLN A 352 22.03 -10.66 -7.81
N HIS A 353 21.47 -10.26 -8.95
CA HIS A 353 22.29 -9.90 -10.11
C HIS A 353 22.31 -8.40 -10.34
N ALA A 361 13.77 3.92 -10.01
CA ALA A 361 13.03 5.08 -9.54
C ALA A 361 12.72 4.96 -8.05
N LEU A 362 12.85 6.07 -7.33
CA LEU A 362 12.39 6.15 -5.94
C LEU A 362 10.87 6.27 -5.86
N VAL A 363 10.24 5.26 -5.28
CA VAL A 363 8.79 5.18 -5.10
C VAL A 363 8.43 5.49 -3.64
N VAL A 364 7.56 6.49 -3.42
CA VAL A 364 7.20 6.92 -2.07
C VAL A 364 5.68 6.80 -1.90
N VAL A 365 5.26 6.16 -0.80
CA VAL A 365 3.84 6.01 -0.44
C VAL A 365 3.49 6.92 0.74
N ASP A 366 2.38 7.66 0.62
CA ASP A 366 1.88 8.59 1.63
C ASP A 366 0.36 8.53 1.73
N TYR A 367 -0.14 8.69 2.96
CA TYR A 367 -1.58 8.77 3.21
C TYR A 367 -2.15 10.15 2.86
N ALA A 368 -1.72 10.71 1.73
CA ALA A 368 -2.20 12.03 1.28
C ALA A 368 -3.54 11.96 0.53
N HIS A 369 -4.65 12.07 1.28
CA HIS A 369 -5.97 11.89 0.70
C HIS A 369 -6.81 13.15 0.83
N THR A 370 -6.21 14.27 1.25
CA THR A 370 -6.80 15.61 1.26
C THR A 370 -5.95 16.55 0.43
N PRO A 371 -6.53 17.63 -0.12
CA PRO A 371 -5.72 18.60 -0.88
C PRO A 371 -4.48 19.12 -0.17
N ASP A 372 -4.62 19.54 1.09
CA ASP A 372 -3.49 20.07 1.84
C ASP A 372 -2.39 19.04 2.02
N ALA A 373 -2.76 17.83 2.45
CA ALA A 373 -1.79 16.76 2.67
C ALA A 373 -1.01 16.45 1.40
N LEU A 374 -1.72 16.36 0.26
CA LEU A 374 -1.04 16.10 -1.00
C LEU A 374 -0.03 17.19 -1.31
N ALA A 375 -0.43 18.46 -1.17
CA ALA A 375 0.50 19.57 -1.39
C ALA A 375 1.74 19.44 -0.53
N ARG A 376 1.58 19.12 0.76
CA ARG A 376 2.74 19.01 1.64
C ARG A 376 3.66 17.88 1.21
N ALA A 377 3.08 16.72 0.87
CA ALA A 377 3.90 15.59 0.43
C ALA A 377 4.70 15.96 -0.81
N LEU A 378 4.05 16.57 -1.80
CA LEU A 378 4.75 16.95 -3.02
C LEU A 378 5.82 18.00 -2.74
N THR A 379 5.49 18.97 -1.87
CA THR A 379 6.49 19.96 -1.48
C THR A 379 7.66 19.28 -0.78
N ALA A 380 7.36 18.24 0.02
CA ALA A 380 8.40 17.53 0.75
C ALA A 380 9.30 16.76 -0.19
N LEU A 381 8.76 16.30 -1.33
CA LEU A 381 9.49 15.41 -2.20
C LEU A 381 10.25 16.14 -3.30
N ARG A 382 9.93 17.42 -3.53
CA ARG A 382 10.61 18.17 -4.60
C ARG A 382 12.11 18.25 -4.36
N PRO A 383 12.61 18.65 -3.19
CA PRO A 383 14.07 18.68 -3.01
C PRO A 383 14.72 17.33 -3.23
N VAL A 384 14.02 16.24 -2.90
CA VAL A 384 14.55 14.91 -3.17
C VAL A 384 14.67 14.69 -4.67
N ALA A 385 13.59 15.03 -5.41
CA ALA A 385 13.62 14.93 -6.86
C ALA A 385 14.75 15.75 -7.46
N GLN A 386 14.96 16.96 -6.92
CA GLN A 386 16.03 17.81 -7.41
C GLN A 386 17.39 17.18 -7.14
N ALA A 387 17.56 16.57 -5.96
CA ALA A 387 18.83 15.93 -5.65
C ALA A 387 19.09 14.77 -6.60
N ARG A 388 18.03 14.11 -7.08
CA ARG A 388 18.16 12.98 -7.99
C ARG A 388 18.25 13.40 -9.44
N GLY A 389 17.93 14.66 -9.74
CA GLY A 389 17.90 15.14 -11.11
C GLY A 389 16.75 14.61 -11.94
N GLY A 390 15.69 14.12 -11.29
CA GLY A 390 14.56 13.53 -11.96
C GLY A 390 13.28 14.34 -11.81
N ARG A 391 12.21 13.80 -12.39
CA ARG A 391 10.88 14.37 -12.32
C ARG A 391 10.15 13.88 -11.07
N LEU A 392 9.32 14.75 -10.50
CA LEU A 392 8.37 14.37 -9.45
C LEU A 392 7.04 13.95 -10.07
N VAL A 393 6.72 12.66 -9.97
CA VAL A 393 5.50 12.08 -10.53
C VAL A 393 4.53 11.76 -9.40
N CYS A 394 3.28 12.21 -9.53
CA CYS A 394 2.26 12.00 -8.51
C CYS A 394 1.15 11.12 -9.08
N VAL A 395 0.96 9.96 -8.46
CA VAL A 395 -0.17 9.06 -8.73
C VAL A 395 -1.15 9.15 -7.57
N PHE A 396 -2.38 9.60 -7.84
CA PHE A 396 -3.36 9.79 -6.78
C PHE A 396 -4.77 9.60 -7.32
N GLY A 397 -5.68 9.22 -6.42
CA GLY A 397 -7.10 9.23 -6.73
C GLY A 397 -7.89 9.83 -5.58
N CYS A 398 -9.18 10.03 -5.83
CA CYS A 398 -10.11 10.54 -4.83
C CYS A 398 -11.20 9.52 -4.57
N GLY A 399 -11.54 9.33 -3.29
CA GLY A 399 -12.60 8.42 -2.93
C GLY A 399 -13.96 8.89 -3.40
N GLY A 400 -14.83 7.94 -3.74
CA GLY A 400 -16.20 8.27 -4.07
C GLY A 400 -17.09 8.39 -2.85
N GLU A 401 -18.16 9.16 -2.99
CA GLU A 401 -19.18 9.35 -1.95
C GLU A 401 -18.62 10.07 -0.73
N ARG A 402 -17.48 10.71 -0.90
CA ARG A 402 -16.81 11.55 0.08
C ARG A 402 -16.86 12.97 -0.49
N ASP A 403 -16.14 13.91 0.14
CA ASP A 403 -16.18 15.34 -0.20
C ASP A 403 -15.80 15.60 -1.67
N PRO A 404 -16.79 15.81 -2.55
CA PRO A 404 -16.49 16.06 -3.96
C PRO A 404 -15.64 17.29 -4.18
N GLY A 405 -15.72 18.26 -3.28
CA GLY A 405 -14.96 19.50 -3.40
C GLY A 405 -13.46 19.33 -3.42
N LYS A 406 -12.94 18.18 -2.97
CA LYS A 406 -11.50 18.03 -2.96
C LYS A 406 -10.97 17.57 -4.32
N ARG A 407 -11.83 16.91 -5.12
CA ARG A 407 -11.35 16.28 -6.35
C ARG A 407 -10.76 17.28 -7.33
N PRO A 408 -11.45 18.36 -7.73
CA PRO A 408 -10.78 19.32 -8.63
C PRO A 408 -9.60 20.02 -8.00
N GLU A 409 -9.70 20.35 -6.71
CA GLU A 409 -8.59 20.99 -6.00
C GLU A 409 -7.33 20.12 -6.01
N MET A 410 -7.47 18.83 -5.70
CA MET A 410 -6.31 17.94 -5.69
C MET A 410 -5.67 17.83 -7.07
N GLY A 411 -6.48 17.72 -8.12
CA GLY A 411 -5.94 17.76 -9.47
C GLY A 411 -5.09 19.00 -9.71
N ARG A 412 -5.57 20.16 -9.27
CA ARG A 412 -4.78 21.38 -9.44
C ARG A 412 -3.48 21.31 -8.66
N ILE A 413 -3.54 20.90 -7.39
CA ILE A 413 -2.34 20.83 -6.57
C ILE A 413 -1.32 19.88 -7.19
N ALA A 414 -1.78 18.69 -7.58
CA ALA A 414 -0.85 17.71 -8.15
C ALA A 414 -0.14 18.29 -9.38
N VAL A 415 -0.91 18.86 -10.29
CA VAL A 415 -0.34 19.34 -11.55
C VAL A 415 0.46 20.62 -11.34
N GLU A 416 0.12 21.40 -10.31
CA GLU A 416 0.86 22.63 -10.05
C GLU A 416 2.22 22.34 -9.42
N ARG A 417 2.32 21.24 -8.69
CA ARG A 417 3.45 20.98 -7.82
C ARG A 417 4.28 19.78 -8.23
N ALA A 418 3.75 18.91 -9.09
CA ALA A 418 4.44 17.74 -9.60
C ALA A 418 4.74 17.94 -11.08
N ASP A 419 5.78 17.25 -11.56
CA ASP A 419 6.13 17.33 -12.98
C ASP A 419 5.24 16.46 -13.86
N ARG A 420 4.80 15.31 -13.35
CA ARG A 420 3.88 14.43 -14.08
C ARG A 420 2.83 13.90 -13.11
N VAL A 421 1.57 13.93 -13.54
CA VAL A 421 0.46 13.50 -12.70
C VAL A 421 -0.32 12.40 -13.41
N VAL A 422 -0.54 11.29 -12.72
CA VAL A 422 -1.41 10.21 -13.18
C VAL A 422 -2.57 10.11 -12.21
N VAL A 423 -3.79 10.35 -12.71
CA VAL A 423 -5.00 10.25 -11.91
C VAL A 423 -5.58 8.85 -12.05
N THR A 424 -5.84 8.19 -10.92
CA THR A 424 -6.37 6.83 -10.90
C THR A 424 -7.48 6.73 -9.86
N SER A 425 -8.06 5.54 -9.74
CA SER A 425 -9.10 5.27 -8.76
C SER A 425 -8.51 5.00 -7.38
N ASP A 426 -9.18 5.52 -6.34
CA ASP A 426 -8.78 5.38 -4.94
C ASP A 426 -10.08 5.17 -4.17
N ASN A 427 -10.37 3.90 -3.90
CA ASN A 427 -11.58 3.47 -3.20
C ASN A 427 -12.82 4.14 -3.84
N PRO A 428 -13.12 3.84 -5.10
CA PRO A 428 -14.29 4.47 -5.74
C PRO A 428 -15.60 4.02 -5.15
N ARG A 429 -15.60 2.96 -4.34
CA ARG A 429 -16.78 2.38 -3.73
C ARG A 429 -17.92 2.14 -4.71
N SER A 430 -19.05 2.79 -4.48
CA SER A 430 -20.24 2.61 -5.30
C SER A 430 -20.36 3.62 -6.43
N GLU A 431 -19.47 4.59 -6.52
CA GLU A 431 -19.52 5.61 -7.55
C GLU A 431 -18.81 5.11 -8.80
N SER A 432 -19.10 5.73 -9.93
CA SER A 432 -18.36 5.40 -11.15
C SER A 432 -16.96 5.98 -11.09
N PRO A 433 -15.91 5.15 -11.17
CA PRO A 433 -14.53 5.66 -11.19
C PRO A 433 -14.27 6.75 -12.22
N GLN A 434 -14.85 6.63 -13.42
CA GLN A 434 -14.63 7.63 -14.47
C GLN A 434 -15.20 8.99 -14.09
N ASP A 435 -16.38 9.03 -13.48
CA ASP A 435 -16.95 10.30 -13.05
C ASP A 435 -16.01 11.02 -12.09
N ILE A 436 -15.49 10.30 -11.11
CA ILE A 436 -14.54 10.91 -10.17
C ILE A 436 -13.32 11.46 -10.91
N ILE A 437 -12.75 10.65 -11.81
CA ILE A 437 -11.58 11.09 -12.57
C ILE A 437 -11.89 12.35 -13.39
N ASP A 438 -13.03 12.35 -14.08
CA ASP A 438 -13.41 13.53 -14.86
C ASP A 438 -13.53 14.77 -13.99
N GLN A 439 -14.08 14.61 -12.78
CA GLN A 439 -14.18 15.75 -11.87
C GLN A 439 -12.80 16.23 -11.42
N ILE A 440 -11.91 15.29 -11.12
CA ILE A 440 -10.53 15.64 -10.77
C ILE A 440 -9.88 16.42 -11.90
N LEU A 441 -9.98 15.89 -13.13
CA LEU A 441 -9.33 16.50 -14.28
C LEU A 441 -9.85 17.92 -14.52
N ALA A 442 -11.11 18.18 -14.15
CA ALA A 442 -11.70 19.49 -14.34
C ALA A 442 -10.96 20.59 -13.57
N GLY A 443 -10.20 20.22 -12.54
CA GLY A 443 -9.46 21.15 -11.72
C GLY A 443 -8.07 21.46 -12.21
N ILE A 444 -7.61 20.73 -13.23
CA ILE A 444 -6.29 20.88 -13.82
C ILE A 444 -6.36 22.01 -14.83
N PRO A 445 -5.61 23.10 -14.62
CA PRO A 445 -5.70 24.25 -15.54
C PRO A 445 -5.44 23.90 -16.99
N ALA A 446 -6.08 24.69 -17.87
CA ALA A 446 -5.92 24.58 -19.31
C ALA A 446 -4.47 24.76 -19.73
N GLY A 447 -3.87 23.71 -20.28
CA GLY A 447 -2.49 23.74 -20.74
C GLY A 447 -1.61 22.77 -20.00
N MET A 448 -2.09 22.21 -18.90
CA MET A 448 -1.44 21.15 -18.17
C MET A 448 -2.24 19.87 -18.36
N ARG A 449 -1.56 18.73 -18.38
CA ARG A 449 -2.20 17.46 -18.67
C ARG A 449 -1.88 16.43 -17.59
N ALA A 450 -2.86 15.57 -17.31
CA ALA A 450 -2.68 14.41 -16.45
C ALA A 450 -3.06 13.13 -17.18
N ALA A 451 -2.22 12.11 -17.07
CA ALA A 451 -2.56 10.80 -17.59
C ALA A 451 -3.63 10.14 -16.72
N VAL A 452 -4.50 9.37 -17.35
CA VAL A 452 -5.61 8.69 -16.68
C VAL A 452 -5.42 7.19 -16.86
N GLN A 453 -5.37 6.46 -15.75
CA GLN A 453 -5.39 5.00 -15.78
C GLN A 453 -6.28 4.55 -14.63
N PRO A 454 -7.56 4.29 -14.90
CA PRO A 454 -8.52 3.99 -13.82
C PRO A 454 -8.16 2.81 -12.93
N ASP A 455 -7.51 1.79 -13.46
CA ASP A 455 -7.07 0.65 -12.66
C ASP A 455 -5.80 1.02 -11.90
N ARG A 456 -5.91 1.14 -10.58
CA ARG A 456 -4.81 1.66 -9.77
C ARG A 456 -3.57 0.78 -9.90
N ALA A 457 -3.77 -0.54 -9.97
CA ALA A 457 -2.65 -1.45 -10.17
C ALA A 457 -1.96 -1.17 -11.51
N LEU A 458 -2.76 -0.99 -12.57
CA LEU A 458 -2.19 -0.66 -13.87
C LEU A 458 -1.50 0.69 -13.83
N ALA A 459 -2.11 1.67 -13.15
CA ALA A 459 -1.51 2.99 -13.02
C ALA A 459 -0.13 2.90 -12.37
N ILE A 460 -0.01 2.08 -11.33
CA ILE A 460 1.27 1.95 -10.62
C ILE A 460 2.30 1.30 -11.53
N MET A 461 1.96 0.17 -12.14
CA MET A 461 2.93 -0.55 -12.96
C MET A 461 3.36 0.28 -14.17
N GLN A 462 2.39 0.88 -14.88
CA GLN A 462 2.71 1.67 -16.06
C GLN A 462 3.52 2.92 -15.71
N THR A 463 3.18 3.59 -14.61
CA THR A 463 3.90 4.80 -14.22
C THR A 463 5.34 4.47 -13.84
N LEU A 464 5.54 3.41 -13.07
CA LEU A 464 6.86 3.04 -12.58
C LEU A 464 7.74 2.50 -13.71
N TRP A 465 7.14 1.84 -14.70
CA TRP A 465 7.92 1.25 -15.78
C TRP A 465 8.35 2.27 -16.81
N SER A 466 7.65 3.39 -16.92
CA SER A 466 8.01 4.44 -17.87
C SER A 466 8.88 5.51 -17.23
N ALA A 467 9.13 5.41 -15.93
CA ALA A 467 9.87 6.42 -15.20
C ALA A 467 11.37 6.22 -15.40
N ALA A 468 12.09 7.34 -15.52
CA ALA A 468 13.54 7.28 -15.48
C ALA A 468 14.04 6.96 -14.08
N PRO A 469 15.21 6.34 -13.97
CA PRO A 469 15.73 5.94 -12.65
C PRO A 469 15.86 7.10 -11.66
N ASP A 470 15.95 8.34 -12.13
CA ASP A 470 16.16 9.47 -11.25
C ASP A 470 14.85 10.11 -10.82
N ASP A 471 13.73 9.64 -11.33
CA ASP A 471 12.43 10.22 -11.01
C ASP A 471 12.05 9.89 -9.57
N VAL A 472 11.26 10.76 -8.95
CA VAL A 472 10.62 10.49 -7.66
C VAL A 472 9.12 10.34 -7.90
N ILE A 473 8.61 9.15 -7.59
CA ILE A 473 7.21 8.80 -7.82
C ILE A 473 6.51 8.77 -6.47
N LEU A 474 5.47 9.57 -6.31
CA LEU A 474 4.63 9.56 -5.11
C LEU A 474 3.36 8.78 -5.39
N LEU A 475 3.19 7.64 -4.71
CA LEU A 475 1.91 6.95 -4.66
C LEU A 475 1.14 7.50 -3.46
N ALA A 476 0.20 8.40 -3.72
CA ALA A 476 -0.48 9.16 -2.68
C ALA A 476 -1.87 8.61 -2.46
N GLY A 477 -2.34 8.71 -1.21
CA GLY A 477 -3.72 8.38 -0.90
C GLY A 477 -3.84 7.32 0.16
N LYS A 478 -3.43 6.10 -0.16
CA LYS A 478 -3.72 4.97 0.72
C LYS A 478 -2.77 4.89 1.90
N GLY A 479 -1.50 5.25 1.71
CA GLY A 479 -0.55 5.23 2.81
C GLY A 479 -0.50 3.84 3.42
N HIS A 480 -1.03 3.71 4.63
CA HIS A 480 -0.99 2.47 5.39
C HIS A 480 -2.18 1.56 5.09
N GLU A 481 -3.16 2.06 4.34
CA GLU A 481 -4.33 1.28 3.99
C GLU A 481 -3.96 0.14 3.05
N THR A 482 -4.47 -1.05 3.35
CA THR A 482 -4.17 -2.26 2.59
C THR A 482 -5.35 -2.80 1.78
N TYR A 483 -6.33 -1.96 1.43
CA TYR A 483 -7.44 -2.45 0.63
C TYR A 483 -7.86 -1.40 -0.39
N GLN A 484 -8.57 -1.84 -1.43
CA GLN A 484 -9.34 -0.95 -2.29
C GLN A 484 -10.81 -1.32 -2.15
N ASP A 485 -11.65 -0.34 -1.81
CA ASP A 485 -13.10 -0.54 -1.72
C ASP A 485 -13.75 -0.27 -3.08
N ILE A 486 -14.17 -1.32 -3.78
CA ILE A 486 -14.80 -1.19 -5.09
C ILE A 486 -16.16 -1.90 -5.03
N GLY A 487 -17.25 -1.12 -5.17
CA GLY A 487 -18.57 -1.72 -5.14
C GLY A 487 -18.92 -2.36 -3.82
N GLY A 488 -18.38 -1.83 -2.72
CA GLY A 488 -18.67 -2.30 -1.38
C GLY A 488 -17.83 -3.45 -0.90
N ARG A 489 -16.93 -3.96 -1.73
CA ARG A 489 -16.01 -5.01 -1.32
C ARG A 489 -14.63 -4.42 -1.10
N LYS A 490 -14.06 -4.65 0.08
CA LYS A 490 -12.69 -4.22 0.35
C LYS A 490 -11.78 -5.32 -0.18
N LEU A 491 -11.16 -5.07 -1.34
CA LEU A 491 -10.25 -6.02 -1.97
C LEU A 491 -8.81 -5.71 -1.62
N PRO A 492 -8.05 -6.72 -1.22
CA PRO A 492 -6.64 -6.52 -0.89
C PRO A 492 -5.92 -5.71 -1.96
N PHE A 493 -5.24 -4.66 -1.51
CA PHE A 493 -4.45 -3.80 -2.38
C PHE A 493 -3.50 -3.01 -1.50
N ASP A 494 -2.21 -3.12 -1.78
CA ASP A 494 -1.17 -2.44 -1.01
C ASP A 494 -0.25 -1.75 -2.00
N ASP A 495 -0.23 -0.41 -1.95
CA ASP A 495 0.60 0.37 -2.86
C ASP A 495 2.05 -0.09 -2.81
N ARG A 496 2.51 -0.52 -1.62
CA ARG A 496 3.89 -0.93 -1.46
C ARG A 496 4.17 -2.21 -2.23
N GLN A 497 3.25 -3.18 -2.15
CA GLN A 497 3.44 -4.46 -2.82
C GLN A 497 3.43 -4.31 -4.33
N TRP A 498 2.55 -3.47 -4.87
CA TRP A 498 2.52 -3.26 -6.31
C TRP A 498 3.77 -2.54 -6.79
N ALA A 499 4.24 -1.56 -6.02
CA ALA A 499 5.50 -0.90 -6.36
C ALA A 499 6.64 -1.90 -6.35
N ARG A 500 6.65 -2.80 -5.37
CA ARG A 500 7.68 -3.83 -5.30
C ARG A 500 7.61 -4.75 -6.53
N LEU A 501 6.40 -5.14 -6.93
CA LEU A 501 6.24 -5.94 -8.15
C LEU A 501 6.76 -5.20 -9.36
N ALA A 502 6.40 -3.92 -9.49
CA ALA A 502 6.80 -3.12 -10.64
C ALA A 502 8.32 -2.98 -10.71
N LEU A 503 8.98 -2.87 -9.56
CA LEU A 503 10.42 -2.73 -9.55
C LEU A 503 11.12 -4.04 -9.87
N LEU A 504 10.50 -5.17 -9.56
CA LEU A 504 11.13 -6.47 -9.75
C LEU A 504 10.97 -6.97 -11.18
N LEU A 505 9.76 -6.83 -11.73
CA LEU A 505 9.36 -7.54 -12.95
C LEU A 505 10.28 -7.28 -14.13
N PRO A 506 10.73 -6.04 -14.41
CA PRO A 506 11.61 -5.83 -15.58
C PRO A 506 12.91 -6.60 -15.51
N HIS A 507 13.32 -7.06 -14.34
CA HIS A 507 14.60 -7.74 -14.17
C HIS A 507 14.45 -9.24 -14.03
N ALA A 508 13.22 -9.73 -13.83
CA ALA A 508 12.97 -11.17 -13.70
C ALA A 508 13.08 -11.87 -15.05
N GLY A 509 13.82 -12.99 -15.07
CA GLY A 509 13.88 -13.90 -16.20
C GLY A 509 12.58 -14.25 -16.89
N ALA A 510 11.71 -15.00 -16.21
CA ALA A 510 10.41 -15.37 -16.74
C ALA A 510 9.42 -15.52 -15.60
N VAL A 511 8.13 -15.39 -15.92
CA VAL A 511 7.05 -15.64 -14.97
C VAL A 511 6.50 -17.05 -15.16
N SER A 512 6.38 -17.81 -14.07
CA SER A 512 5.92 -19.18 -14.12
C SER A 512 4.87 -19.40 -13.03
N THR A 513 3.89 -20.26 -13.33
CA THR A 513 2.90 -20.71 -12.37
C THR A 513 3.03 -22.18 -11.98
N ASP A 514 4.03 -22.88 -12.50
CA ASP A 514 4.17 -24.32 -12.30
C ASP A 514 5.52 -24.59 -11.65
N THR A 515 5.49 -25.02 -10.37
CA THR A 515 6.73 -25.21 -9.64
C THR A 515 7.55 -26.35 -10.21
N ARG A 516 6.93 -27.23 -11.01
CA ARG A 516 7.66 -28.32 -11.65
C ARG A 516 8.57 -27.79 -12.75
N ARG A 517 8.28 -26.60 -13.27
CA ARG A 517 8.97 -26.02 -14.41
C ARG A 517 9.66 -24.70 -14.09
N ILE A 518 9.57 -24.22 -12.85
CA ILE A 518 10.11 -22.90 -12.51
C ILE A 518 11.62 -22.98 -12.46
N GLY A 519 12.28 -22.00 -13.09
CA GLY A 519 13.73 -21.91 -13.12
C GLY A 519 14.30 -20.78 -12.28
N ARG A 520 15.63 -20.76 -12.21
CA ARG A 520 16.36 -19.73 -11.48
C ARG A 520 16.04 -18.34 -12.01
N GLY A 521 15.70 -17.43 -11.09
CA GLY A 521 15.49 -16.05 -11.45
C GLY A 521 14.08 -15.74 -11.90
N GLU A 522 13.21 -16.74 -11.94
CA GLU A 522 11.83 -16.59 -12.36
C GLU A 522 10.91 -16.22 -11.21
N LEU A 523 9.82 -15.54 -11.56
CA LEU A 523 8.77 -15.14 -10.63
C LEU A 523 7.71 -16.23 -10.55
N PHE A 524 7.45 -16.73 -9.35
CA PHE A 524 6.45 -17.77 -9.12
C PHE A 524 5.11 -17.13 -8.76
N VAL A 525 4.06 -17.52 -9.49
CA VAL A 525 2.70 -17.09 -9.20
C VAL A 525 1.94 -18.23 -8.54
N ALA A 526 1.61 -18.05 -7.27
CA ALA A 526 0.95 -19.03 -6.40
C ALA A 526 -0.54 -18.99 -6.70
N LEU A 527 -1.00 -19.82 -7.64
CA LEU A 527 -2.40 -19.84 -7.99
C LEU A 527 -3.20 -20.71 -7.01
N SER A 528 -4.38 -20.23 -6.64
CA SER A 528 -5.32 -20.95 -5.79
C SER A 528 -6.45 -21.51 -6.64
N GLY A 529 -6.52 -22.84 -6.72
CA GLY A 529 -7.59 -23.48 -7.45
C GLY A 529 -7.27 -24.95 -7.69
N GLU A 530 -8.17 -25.58 -8.45
CA GLU A 530 -8.09 -27.01 -8.78
C GLU A 530 -8.14 -27.82 -7.49
N ASN A 531 -7.18 -28.73 -7.27
CA ASN A 531 -7.14 -29.70 -6.19
C ASN A 531 -6.02 -29.44 -5.21
N PHE A 532 -4.93 -28.79 -5.65
CA PHE A 532 -3.75 -28.55 -4.82
C PHE A 532 -3.32 -27.09 -5.01
N ASP A 533 -3.83 -26.25 -4.12
CA ASP A 533 -3.54 -24.85 -3.89
C ASP A 533 -2.05 -24.53 -4.00
N GLY A 534 -1.64 -23.84 -5.06
CA GLY A 534 -0.26 -23.50 -5.37
C GLY A 534 0.52 -22.89 -4.22
N HIS A 535 -0.18 -22.33 -3.23
CA HIS A 535 0.47 -21.73 -2.07
C HIS A 535 1.24 -22.76 -1.27
N ASP A 536 0.83 -24.02 -1.35
CA ASP A 536 1.45 -25.13 -0.63
C ASP A 536 2.83 -25.48 -1.16
N TYR A 537 3.25 -24.89 -2.28
CA TYR A 537 4.48 -25.27 -2.98
C TYR A 537 5.54 -24.17 -2.94
N LEU A 538 5.36 -23.16 -2.09
CA LEU A 538 6.34 -22.08 -2.02
C LEU A 538 7.71 -22.57 -1.57
N PRO A 539 7.85 -23.50 -0.60
CA PRO A 539 9.19 -24.01 -0.29
C PRO A 539 9.89 -24.63 -1.50
N GLN A 540 9.16 -25.36 -2.33
CA GLN A 540 9.74 -25.93 -3.54
C GLN A 540 10.20 -24.84 -4.49
N ALA A 541 9.35 -23.83 -4.72
CA ALA A 541 9.74 -22.71 -5.56
C ALA A 541 11.01 -22.04 -5.02
N GLN A 542 11.10 -21.88 -3.69
CA GLN A 542 12.30 -21.33 -3.09
C GLN A 542 13.52 -22.21 -3.38
N SER A 543 13.35 -23.53 -3.23
CA SER A 543 14.46 -24.45 -3.47
C SER A 543 14.90 -24.43 -4.93
N ALA A 544 13.97 -24.15 -5.84
CA ALA A 544 14.25 -24.15 -7.27
C ALA A 544 14.88 -22.83 -7.73
N GLY A 545 15.02 -21.86 -6.84
CA GLY A 545 15.72 -20.63 -7.13
C GLY A 545 14.85 -19.50 -7.64
N ALA A 546 13.55 -19.57 -7.43
CA ALA A 546 12.64 -18.48 -7.79
C ALA A 546 13.10 -17.18 -7.13
N CYS A 547 12.95 -16.07 -7.85
CA CYS A 547 13.41 -14.79 -7.34
C CYS A 547 12.41 -14.12 -6.43
N ALA A 548 11.12 -14.43 -6.57
CA ALA A 548 10.06 -13.91 -5.71
C ALA A 548 8.80 -14.70 -6.02
N ALA A 549 7.80 -14.57 -5.14
CA ALA A 549 6.51 -15.20 -5.36
C ALA A 549 5.38 -14.21 -5.17
N VAL A 550 4.45 -14.17 -6.11
CA VAL A 550 3.20 -13.47 -5.95
C VAL A 550 2.23 -14.39 -5.21
N VAL A 551 1.71 -13.92 -4.07
CA VAL A 551 0.87 -14.76 -3.23
C VAL A 551 -0.38 -13.99 -2.82
N ALA A 552 -1.44 -14.74 -2.49
CA ALA A 552 -2.66 -14.12 -2.02
C ALA A 552 -2.58 -13.69 -0.57
N HIS A 553 -1.86 -14.45 0.26
CA HIS A 553 -1.63 -14.15 1.66
C HIS A 553 -0.26 -14.66 2.07
N PRO A 554 0.37 -14.05 3.08
CA PRO A 554 1.68 -14.52 3.53
C PRO A 554 1.67 -15.98 3.97
N VAL A 555 2.87 -16.50 4.22
CA VAL A 555 3.06 -17.84 4.74
C VAL A 555 4.30 -17.85 5.64
N ALA A 556 4.11 -18.20 6.91
CA ALA A 556 5.22 -18.13 7.86
C ALA A 556 6.27 -19.17 7.54
N ASP A 557 7.53 -18.83 7.86
CA ASP A 557 8.65 -19.76 7.87
C ASP A 557 9.10 -20.14 6.46
N VAL A 558 8.70 -19.36 5.47
CA VAL A 558 9.17 -19.49 4.10
C VAL A 558 9.93 -18.22 3.74
N ALA A 559 11.23 -18.37 3.47
CA ALA A 559 12.10 -17.22 3.25
C ALA A 559 11.96 -16.59 1.87
N LEU A 560 11.26 -17.24 0.94
CA LEU A 560 11.04 -16.67 -0.37
C LEU A 560 10.25 -15.36 -0.29
N PRO A 561 10.81 -14.24 -0.73
CA PRO A 561 10.05 -12.97 -0.76
C PRO A 561 8.67 -13.14 -1.37
N GLN A 562 7.65 -12.66 -0.65
CA GLN A 562 6.26 -12.80 -1.05
C GLN A 562 5.68 -11.43 -1.37
N LEU A 563 5.23 -11.24 -2.61
CA LEU A 563 4.47 -10.07 -3.00
C LEU A 563 2.99 -10.35 -2.80
N VAL A 564 2.38 -9.72 -1.80
CA VAL A 564 0.99 -9.99 -1.44
C VAL A 564 0.09 -9.07 -2.27
N LEU A 565 -0.52 -9.63 -3.31
CA LEU A 565 -1.27 -8.87 -4.30
C LEU A 565 -2.73 -9.33 -4.38
N GLY A 566 -3.18 -10.10 -3.39
CA GLY A 566 -4.53 -10.62 -3.29
C GLY A 566 -4.88 -11.74 -4.26
N ASP A 567 -5.93 -11.56 -5.05
CA ASP A 567 -6.35 -12.55 -6.04
C ASP A 567 -5.29 -12.74 -7.11
N THR A 568 -4.53 -13.84 -7.03
CA THR A 568 -3.35 -13.97 -7.87
C THR A 568 -3.74 -14.12 -9.34
N LEU A 569 -4.90 -14.70 -9.63
CA LEU A 569 -5.36 -14.75 -11.02
C LEU A 569 -5.65 -13.35 -11.55
N ALA A 570 -6.40 -12.55 -10.79
CA ALA A 570 -6.66 -11.17 -11.18
C ALA A 570 -5.38 -10.35 -11.28
N ALA A 571 -4.48 -10.51 -10.31
CA ALA A 571 -3.20 -9.81 -10.35
C ALA A 571 -2.43 -10.17 -11.62
N LEU A 572 -2.40 -11.46 -11.96
CA LEU A 572 -1.72 -11.91 -13.17
C LEU A 572 -2.29 -11.25 -14.42
N GLY A 573 -3.61 -11.17 -14.52
CA GLY A 573 -4.19 -10.47 -15.67
C GLY A 573 -3.73 -9.04 -15.77
N ARG A 574 -3.77 -8.30 -14.64
CA ARG A 574 -3.32 -6.91 -14.66
C ARG A 574 -1.83 -6.82 -15.00
N MET A 575 -1.03 -7.76 -14.50
CA MET A 575 0.39 -7.80 -14.85
C MET A 575 0.55 -7.96 -16.35
N GLY A 576 -0.12 -8.94 -16.94
CA GLY A 576 -0.04 -9.15 -18.37
C GLY A 576 -0.48 -7.93 -19.15
N THR A 577 -1.62 -7.35 -18.74
CA THR A 577 -2.14 -6.17 -19.42
C THR A 577 -1.15 -5.02 -19.38
N ALA A 578 -0.61 -4.73 -18.19
CA ALA A 578 0.36 -3.64 -18.07
C ALA A 578 1.62 -3.92 -18.89
N TRP A 579 2.11 -5.16 -18.87
CA TRP A 579 3.31 -5.48 -19.63
C TRP A 579 3.07 -5.32 -21.13
N ARG A 580 1.93 -5.83 -21.62
CA ARG A 580 1.58 -5.65 -23.03
C ARG A 580 1.55 -4.18 -23.42
N SER A 581 1.10 -3.32 -22.52
CA SER A 581 0.94 -1.91 -22.86
C SER A 581 2.26 -1.18 -23.04
N SER A 582 3.38 -1.76 -22.58
CA SER A 582 4.67 -1.12 -22.73
C SER A 582 5.32 -1.32 -24.10
N PHE A 583 4.69 -2.05 -25.02
CA PHE A 583 5.29 -2.33 -26.31
C PHE A 583 4.38 -1.92 -27.45
N THR A 584 4.97 -1.41 -28.53
CA THR A 584 4.25 -0.98 -29.73
C THR A 584 4.68 -1.88 -30.89
N LEU A 585 3.84 -2.86 -31.22
CA LEU A 585 4.18 -3.83 -32.26
C LEU A 585 2.90 -4.47 -32.76
N PRO A 586 2.88 -4.99 -33.98
CA PRO A 586 1.70 -5.73 -34.47
C PRO A 586 1.43 -6.95 -33.60
N VAL A 587 0.18 -7.09 -33.17
CA VAL A 587 -0.27 -8.22 -32.35
C VAL A 587 -1.47 -8.88 -33.03
N VAL A 588 -1.32 -10.16 -33.37
CA VAL A 588 -2.42 -10.93 -33.94
C VAL A 588 -3.07 -11.73 -32.83
N ALA A 589 -4.37 -11.54 -32.65
CA ALA A 589 -5.19 -12.31 -31.72
C ALA A 589 -6.05 -13.29 -32.51
N VAL A 590 -5.92 -14.58 -32.21
CA VAL A 590 -6.60 -15.63 -32.95
C VAL A 590 -7.69 -16.21 -32.03
N THR A 591 -8.93 -16.18 -32.51
CA THR A 591 -10.04 -16.82 -31.83
C THR A 591 -10.91 -17.55 -32.86
N GLY A 592 -11.79 -18.39 -32.36
CA GLY A 592 -12.69 -19.14 -33.23
C GLY A 592 -13.11 -20.45 -32.60
N SER A 593 -14.04 -21.12 -33.28
CA SER A 593 -14.57 -22.38 -32.78
C SER A 593 -13.60 -23.54 -33.01
N ASN A 594 -13.01 -23.61 -34.20
CA ASN A 594 -12.09 -24.66 -34.58
C ASN A 594 -10.92 -24.07 -35.35
N GLY A 595 -9.76 -24.68 -35.21
CA GLY A 595 -8.63 -24.31 -36.04
C GLY A 595 -7.76 -23.21 -35.48
N LYS A 596 -8.03 -22.76 -34.24
CA LYS A 596 -7.25 -21.67 -33.64
C LYS A 596 -5.78 -22.03 -33.55
N THR A 597 -5.47 -23.20 -33.01
CA THR A 597 -4.07 -23.59 -32.79
C THR A 597 -3.35 -23.76 -34.12
N THR A 598 -3.97 -24.46 -35.07
CA THR A 598 -3.35 -24.65 -36.38
C THR A 598 -3.11 -23.30 -37.06
N THR A 599 -4.12 -22.43 -37.05
CA THR A 599 -3.98 -21.10 -37.67
C THR A 599 -2.90 -20.28 -36.96
N LYS A 600 -2.93 -20.27 -35.62
CA LYS A 600 -1.90 -19.56 -34.86
C LYS A 600 -0.50 -20.02 -35.25
N GLU A 601 -0.30 -21.33 -35.39
CA GLU A 601 1.01 -21.84 -35.76
C GLU A 601 1.39 -21.39 -37.17
N MET A 602 0.42 -21.35 -38.09
CA MET A 602 0.70 -20.84 -39.43
C MET A 602 1.08 -19.37 -39.39
N ILE A 603 0.36 -18.57 -38.60
CA ILE A 603 0.70 -17.16 -38.46
C ILE A 603 2.09 -17.03 -37.85
N SER A 604 2.37 -17.82 -36.81
CA SER A 604 3.68 -17.82 -36.18
C SER A 604 4.77 -18.12 -37.20
N ALA A 605 4.52 -19.09 -38.09
CA ALA A 605 5.47 -19.41 -39.15
C ALA A 605 5.72 -18.21 -40.05
N ILE A 606 4.65 -17.47 -40.37
CA ILE A 606 4.78 -16.27 -41.20
C ILE A 606 5.63 -15.23 -40.50
N LEU A 607 5.36 -14.98 -39.21
CA LEU A 607 6.12 -13.98 -38.46
C LEU A 607 7.59 -14.36 -38.36
N ALA A 608 7.87 -15.65 -38.18
CA ALA A 608 9.26 -16.09 -38.14
C ALA A 608 9.93 -15.81 -39.49
N GLN A 609 9.22 -16.11 -40.58
CA GLN A 609 9.73 -15.83 -41.91
C GLN A 609 9.92 -14.33 -42.12
N TRP A 610 9.04 -13.51 -41.55
CA TRP A 610 9.05 -12.07 -41.79
C TRP A 610 10.09 -11.37 -40.91
N GLN A 611 10.13 -11.70 -39.63
CA GLN A 611 10.90 -10.94 -38.64
C GLN A 611 12.06 -11.73 -38.04
N GLY A 612 12.23 -12.99 -38.42
CA GLY A 612 13.17 -13.85 -37.75
C GLY A 612 12.57 -14.54 -36.54
N ASP A 613 13.18 -15.67 -36.18
CA ASP A 613 12.66 -16.47 -35.07
C ASP A 613 12.70 -15.70 -33.76
N ASP A 614 13.70 -14.83 -33.58
CA ASP A 614 13.85 -14.11 -32.32
C ASP A 614 12.99 -12.86 -32.25
N GLY A 615 12.43 -12.42 -33.37
CA GLY A 615 11.62 -11.23 -33.45
C GLY A 615 10.14 -11.48 -33.32
N ARG A 616 9.75 -12.74 -33.12
CA ARG A 616 8.36 -13.13 -33.00
C ARG A 616 8.10 -13.75 -31.63
N LEU A 617 6.90 -13.48 -31.11
CA LEU A 617 6.37 -14.18 -29.94
C LEU A 617 5.06 -14.84 -30.31
N ALA A 618 4.90 -16.12 -29.94
CA ALA A 618 3.69 -16.84 -30.22
C ALA A 618 3.27 -17.63 -28.99
N THR A 619 1.96 -17.77 -28.81
CA THR A 619 1.43 -18.60 -27.74
C THR A 619 2.02 -20.00 -27.84
N ALA A 620 2.59 -20.47 -26.73
CA ALA A 620 3.13 -21.82 -26.67
C ALA A 620 2.05 -22.77 -26.17
N GLY A 621 1.91 -23.90 -26.86
CA GLY A 621 0.99 -24.95 -26.42
C GLY A 621 -0.44 -24.45 -26.33
N ASN A 622 -1.06 -24.74 -25.19
CA ASN A 622 -2.47 -24.42 -24.94
C ASN A 622 -2.65 -23.25 -23.98
N PHE A 623 -1.65 -22.36 -23.90
CA PHE A 623 -1.73 -21.22 -22.97
C PHE A 623 -2.65 -20.15 -23.56
N ASN A 624 -3.93 -20.51 -23.65
CA ASN A 624 -4.93 -19.65 -24.29
C ASN A 624 -6.09 -19.28 -23.37
N ASN A 625 -5.95 -19.41 -22.05
CA ASN A 625 -7.03 -19.09 -21.15
C ASN A 625 -6.64 -17.89 -20.29
N GLU A 626 -7.40 -17.65 -19.21
CA GLU A 626 -7.19 -16.45 -18.41
C GLU A 626 -5.89 -16.51 -17.61
N ILE A 627 -5.23 -17.66 -17.60
CA ILE A 627 -3.92 -17.83 -16.97
C ILE A 627 -2.83 -17.88 -18.04
N GLY A 628 -3.05 -18.71 -19.06
CA GLY A 628 -2.02 -18.93 -20.07
C GLY A 628 -1.71 -17.66 -20.84
N VAL A 629 -2.73 -16.89 -21.20
CA VAL A 629 -2.59 -15.70 -22.04
C VAL A 629 -1.76 -14.64 -21.31
N PRO A 630 -2.08 -14.26 -20.06
CA PRO A 630 -1.22 -13.27 -19.39
C PRO A 630 0.20 -13.77 -19.20
N LEU A 631 0.38 -15.06 -18.97
CA LEU A 631 1.72 -15.62 -18.85
C LEU A 631 2.50 -15.48 -20.15
N THR A 632 1.83 -15.67 -21.29
CA THR A 632 2.48 -15.49 -22.59
C THR A 632 2.84 -14.03 -22.82
N LEU A 633 1.91 -13.12 -22.47
CA LEU A 633 2.15 -11.69 -22.60
C LEU A 633 3.40 -11.25 -21.86
N LEU A 634 3.66 -11.86 -20.69
CA LEU A 634 4.77 -11.47 -19.84
C LEU A 634 6.12 -11.91 -20.40
N ARG A 635 6.13 -12.59 -21.54
CA ARG A 635 7.36 -12.97 -22.21
C ARG A 635 7.80 -11.96 -23.26
N LEU A 636 6.95 -10.98 -23.59
CA LEU A 636 7.31 -9.93 -24.55
C LEU A 636 8.56 -9.19 -24.10
N ARG A 637 9.48 -9.00 -25.05
CA ARG A 637 10.74 -8.29 -24.85
C ARG A 637 10.93 -7.26 -25.96
N ALA A 638 11.92 -6.40 -25.78
CA ALA A 638 12.20 -5.32 -26.71
C ALA A 638 12.58 -5.83 -28.10
N ARG A 639 13.08 -7.05 -28.20
CA ARG A 639 13.53 -7.58 -29.49
C ARG A 639 12.36 -8.01 -30.38
N HIS A 640 11.22 -8.33 -29.79
CA HIS A 640 10.07 -8.76 -30.58
C HIS A 640 9.58 -7.63 -31.48
N ARG A 641 9.14 -8.01 -32.68
CA ARG A 641 8.70 -7.09 -33.71
C ARG A 641 7.28 -7.40 -34.17
N ALA A 642 6.77 -8.59 -33.84
CA ALA A 642 5.41 -8.99 -34.12
C ALA A 642 5.09 -10.15 -33.19
N ALA A 643 3.81 -10.29 -32.87
CA ALA A 643 3.36 -11.33 -31.95
C ALA A 643 2.01 -11.86 -32.38
N VAL A 644 1.77 -13.14 -32.13
CA VAL A 644 0.47 -13.74 -32.37
C VAL A 644 0.04 -14.43 -31.08
N PHE A 645 -1.18 -14.16 -30.64
CA PHE A 645 -1.72 -14.69 -29.41
C PHE A 645 -2.99 -15.46 -29.73
N GLU A 646 -3.05 -16.72 -29.31
CA GLU A 646 -4.30 -17.48 -29.38
C GLU A 646 -5.17 -17.21 -28.16
N LEU A 647 -6.44 -16.87 -28.39
CA LEU A 647 -7.38 -16.58 -27.32
C LEU A 647 -8.47 -17.65 -27.34
N GLY A 648 -8.65 -18.30 -26.20
CA GLY A 648 -9.63 -19.36 -25.98
C GLY A 648 -10.77 -18.95 -25.09
N MET A 649 -11.93 -19.60 -25.19
CA MET A 649 -13.04 -19.24 -24.33
C MET A 649 -13.73 -20.49 -23.79
N ASN A 650 -14.10 -20.42 -22.50
CA ASN A 650 -14.97 -21.41 -21.86
C ASN A 650 -16.27 -20.86 -21.34
N HIS A 651 -16.26 -19.63 -20.82
CA HIS A 651 -17.41 -18.96 -20.21
C HIS A 651 -17.63 -17.60 -20.85
N PRO A 652 -18.86 -17.08 -20.80
CA PRO A 652 -19.10 -15.74 -21.34
C PRO A 652 -18.18 -14.73 -20.68
N GLY A 653 -17.65 -13.82 -21.48
CA GLY A 653 -16.86 -12.73 -20.97
C GLY A 653 -15.37 -12.99 -21.05
N GLU A 654 -14.98 -14.23 -21.41
CA GLU A 654 -13.56 -14.57 -21.40
C GLU A 654 -12.86 -13.94 -22.60
N ILE A 655 -13.50 -13.97 -23.76
CA ILE A 655 -12.87 -13.38 -24.95
C ILE A 655 -12.70 -11.89 -24.75
N GLU A 656 -13.73 -11.21 -24.24
CA GLU A 656 -13.64 -9.78 -23.96
C GLU A 656 -12.47 -9.49 -23.04
N ARG A 657 -12.35 -10.28 -21.97
CA ARG A 657 -11.28 -10.06 -21.00
C ARG A 657 -9.91 -10.34 -21.63
N LEU A 658 -9.78 -11.47 -22.34
CA LEU A 658 -8.50 -11.81 -22.94
C LEU A 658 -8.11 -10.86 -24.06
N ALA A 659 -9.06 -10.50 -24.93
CA ALA A 659 -8.73 -9.57 -26.01
C ALA A 659 -8.35 -8.20 -25.48
N ALA A 660 -9.08 -7.71 -24.47
CA ALA A 660 -8.72 -6.43 -23.87
C ALA A 660 -7.31 -6.48 -23.29
N MET A 661 -6.94 -7.63 -22.72
CA MET A 661 -5.61 -7.82 -22.16
C MET A 661 -4.54 -7.83 -23.25
N ALA A 662 -4.78 -8.59 -24.33
CA ALA A 662 -3.80 -8.73 -25.39
C ALA A 662 -3.66 -7.47 -26.24
N ALA A 663 -4.67 -6.60 -26.24
CA ALA A 663 -4.77 -5.37 -27.02
C ALA A 663 -4.24 -5.58 -28.44
N PRO A 664 -4.91 -6.41 -29.23
CA PRO A 664 -4.40 -6.74 -30.56
C PRO A 664 -4.56 -5.59 -31.55
N THR A 665 -3.69 -5.58 -32.56
CA THR A 665 -3.85 -4.72 -33.72
C THR A 665 -4.51 -5.42 -34.90
N VAL A 666 -4.49 -6.75 -34.91
CA VAL A 666 -5.21 -7.57 -35.89
C VAL A 666 -5.99 -8.62 -35.12
N ALA A 667 -7.30 -8.70 -35.36
CA ALA A 667 -8.17 -9.66 -34.70
C ALA A 667 -8.76 -10.63 -35.71
N LEU A 668 -8.54 -11.92 -35.48
CA LEU A 668 -8.96 -12.98 -36.39
C LEU A 668 -10.00 -13.85 -35.71
N VAL A 669 -11.16 -14.00 -36.36
CA VAL A 669 -12.14 -15.05 -36.04
C VAL A 669 -12.05 -16.15 -37.08
N THR A 670 -11.60 -17.34 -36.66
CA THR A 670 -11.34 -18.43 -37.59
C THR A 670 -12.64 -19.03 -38.15
N ASN A 671 -13.68 -19.11 -37.33
CA ASN A 671 -14.98 -19.67 -37.70
C ASN A 671 -15.93 -19.53 -36.52
N ALA A 672 -17.22 -19.76 -36.80
CA ALA A 672 -18.27 -19.87 -35.79
C ALA A 672 -19.02 -21.20 -35.87
N GLN A 673 -18.78 -22.08 -34.91
CA GLN A 673 -19.38 -23.41 -34.85
C GLN A 673 -19.92 -23.61 -33.45
N ARG A 674 -21.19 -24.01 -33.34
CA ARG A 674 -21.85 -24.17 -32.05
C ARG A 674 -21.29 -25.34 -31.25
N HIS A 676 -21.03 -27.08 -27.81
CA HIS A 676 -21.27 -27.01 -26.37
C HIS A 676 -22.14 -25.80 -26.04
N GLN A 677 -23.24 -26.05 -25.33
CA GLN A 677 -24.19 -24.99 -25.03
C GLN A 677 -24.10 -24.58 -23.55
N GLU A 678 -22.91 -24.17 -23.12
CA GLU A 678 -22.76 -23.70 -21.75
C GLU A 678 -23.43 -22.35 -21.57
N PHE A 679 -23.53 -21.59 -22.66
CA PHE A 679 -24.05 -20.23 -22.62
C PHE A 679 -24.35 -19.73 -24.03
N HIS A 681 -26.23 -20.59 -27.19
CA HIS A 681 -26.04 -21.92 -27.75
C HIS A 681 -26.12 -21.89 -29.27
N THR A 682 -26.68 -20.82 -29.81
CA THR A 682 -26.78 -20.64 -31.25
C THR A 682 -25.44 -20.24 -31.83
N VAL A 683 -25.24 -20.58 -33.11
CA VAL A 683 -24.02 -20.16 -33.80
C VAL A 683 -23.95 -18.63 -33.86
N GLU A 684 -25.09 -17.97 -34.03
CA GLU A 684 -25.11 -16.51 -34.00
C GLU A 684 -24.56 -15.99 -32.67
N ALA A 685 -24.98 -16.59 -31.55
CA ALA A 685 -24.47 -16.21 -30.24
C ALA A 685 -22.96 -16.43 -30.17
N VAL A 686 -22.48 -17.51 -30.76
CA VAL A 686 -21.04 -17.81 -30.81
C VAL A 686 -20.30 -16.73 -31.60
N ALA A 687 -20.87 -16.32 -32.73
CA ALA A 687 -20.24 -15.27 -33.53
C ALA A 687 -20.05 -13.98 -32.74
N HIS A 688 -21.05 -13.60 -31.93
CA HIS A 688 -20.88 -12.39 -31.12
C HIS A 688 -19.80 -12.56 -30.07
N GLU A 689 -19.80 -13.70 -29.36
CA GLU A 689 -18.78 -13.92 -28.32
C GLU A 689 -17.38 -13.89 -28.93
N ASN A 690 -17.14 -14.71 -29.96
CA ASN A 690 -15.84 -14.75 -30.62
C ASN A 690 -15.52 -13.41 -31.29
N GLY A 691 -16.55 -12.72 -31.77
CA GLY A 691 -16.40 -11.42 -32.40
C GLY A 691 -15.89 -10.32 -31.48
N ALA A 692 -15.99 -10.52 -30.16
CA ALA A 692 -15.54 -9.50 -29.24
C ALA A 692 -14.07 -9.13 -29.43
N VAL A 693 -13.25 -10.01 -30.01
CA VAL A 693 -11.86 -9.63 -30.26
C VAL A 693 -11.82 -8.43 -31.18
N ILE A 694 -12.78 -8.34 -32.11
CA ILE A 694 -12.81 -7.22 -33.04
C ILE A 694 -13.14 -5.95 -32.28
N GLY A 695 -13.94 -6.05 -31.21
CA GLY A 695 -14.30 -4.90 -30.41
C GLY A 695 -13.11 -4.30 -29.69
N ALA A 696 -12.04 -5.06 -29.53
CA ALA A 696 -10.85 -4.64 -28.80
C ALA A 696 -9.84 -3.97 -29.73
N LEU A 697 -10.16 -3.91 -31.02
CA LEU A 697 -9.27 -3.30 -31.98
C LEU A 697 -9.33 -1.77 -31.85
N PRO A 698 -8.19 -1.10 -31.91
CA PRO A 698 -8.19 0.36 -32.06
C PRO A 698 -8.82 0.79 -33.38
N GLU A 699 -9.00 2.10 -33.51
CA GLU A 699 -9.68 2.65 -34.69
C GLU A 699 -8.97 2.27 -35.97
N ASP A 700 -7.65 2.13 -35.94
CA ASP A 700 -6.87 1.79 -37.11
C ASP A 700 -6.58 0.29 -37.23
N GLY A 701 -7.24 -0.54 -36.41
CA GLY A 701 -7.05 -1.98 -36.46
C GLY A 701 -7.73 -2.65 -37.65
N VAL A 702 -7.36 -3.90 -37.89
CA VAL A 702 -7.87 -4.68 -39.02
C VAL A 702 -8.59 -5.91 -38.50
N ALA A 703 -9.85 -6.04 -38.87
CA ALA A 703 -10.66 -7.21 -38.55
C ALA A 703 -10.59 -8.28 -39.65
N VAL A 704 -10.29 -9.51 -39.27
CA VAL A 704 -10.18 -10.63 -40.19
C VAL A 704 -11.20 -11.68 -39.74
N TYR A 705 -12.11 -12.05 -40.63
CA TYR A 705 -13.11 -13.06 -40.28
C TYR A 705 -13.55 -13.75 -41.57
N PRO A 706 -14.16 -14.93 -41.49
CA PRO A 706 -14.58 -15.62 -42.72
C PRO A 706 -15.71 -14.87 -43.41
N GLY A 707 -15.51 -14.59 -44.70
CA GLY A 707 -16.45 -13.84 -45.50
C GLY A 707 -17.51 -14.65 -46.19
N ASP A 708 -17.35 -15.97 -46.26
CA ASP A 708 -18.28 -16.82 -47.01
C ASP A 708 -19.16 -17.62 -46.09
N GLU A 709 -19.32 -17.17 -44.85
CA GLU A 709 -20.25 -17.81 -43.94
C GLU A 709 -21.51 -16.97 -43.75
N PRO A 710 -22.63 -17.61 -43.41
CA PRO A 710 -23.91 -16.89 -43.30
C PRO A 710 -23.93 -15.81 -42.23
N TYR A 711 -22.94 -15.79 -41.33
CA TYR A 711 -22.92 -14.95 -40.15
C TYR A 711 -21.89 -13.83 -40.24
N ALA A 712 -21.33 -13.61 -41.43
CA ALA A 712 -20.36 -12.53 -41.64
C ALA A 712 -20.93 -11.18 -41.24
N ALA A 713 -22.23 -10.99 -41.37
CA ALA A 713 -22.86 -9.72 -41.04
C ALA A 713 -22.66 -9.34 -39.58
N ILE A 714 -22.71 -10.31 -38.66
CA ILE A 714 -22.48 -9.98 -37.25
C ILE A 714 -21.09 -9.37 -37.10
N TRP A 715 -20.10 -10.02 -37.71
CA TRP A 715 -18.72 -9.55 -37.61
C TRP A 715 -18.49 -8.30 -38.45
N ASP A 716 -19.21 -8.15 -39.57
CA ASP A 716 -19.14 -6.91 -40.37
C ASP A 716 -19.52 -5.68 -39.58
N LYS A 717 -20.63 -5.76 -38.84
CA LYS A 717 -21.15 -4.68 -38.00
C LYS A 717 -20.23 -4.35 -36.85
N LEU A 718 -19.70 -5.37 -36.19
CA LEU A 718 -18.85 -5.17 -35.04
C LEU A 718 -17.56 -4.51 -35.47
N ALA A 719 -17.09 -4.84 -36.67
CA ALA A 719 -15.87 -4.27 -37.22
C ALA A 719 -16.03 -2.78 -37.47
N GLY A 720 -17.29 -2.34 -37.64
CA GLY A 720 -17.60 -0.95 -37.92
C GLY A 720 -16.77 -0.37 -39.06
N ALA A 721 -16.09 0.73 -38.78
CA ALA A 721 -15.35 1.47 -39.80
C ALA A 721 -13.93 0.97 -39.98
N ARG A 722 -13.52 -0.05 -39.23
CA ARG A 722 -12.16 -0.56 -39.28
C ARG A 722 -11.92 -1.26 -40.63
N ARG A 723 -10.64 -1.35 -41.00
CA ARG A 723 -10.28 -2.10 -42.20
C ARG A 723 -10.61 -3.57 -42.02
N VAL A 724 -11.21 -4.17 -43.03
CA VAL A 724 -11.68 -5.55 -42.97
C VAL A 724 -11.07 -6.37 -44.11
N LEU A 725 -10.50 -7.52 -43.77
CA LEU A 725 -10.09 -8.54 -44.73
C LEU A 725 -10.94 -9.79 -44.52
N ARG A 726 -11.87 -10.03 -45.44
CA ARG A 726 -12.71 -11.22 -45.39
C ARG A 726 -12.05 -12.35 -46.17
N PHE A 727 -11.95 -13.53 -45.55
CA PHE A 727 -11.32 -14.67 -46.20
C PHE A 727 -12.33 -15.79 -46.40
N GLY A 728 -12.07 -16.61 -47.41
CA GLY A 728 -12.93 -17.73 -47.69
C GLY A 728 -12.59 -18.35 -49.02
N LEU A 729 -13.47 -19.23 -49.48
CA LEU A 729 -13.28 -19.98 -50.71
C LEU A 729 -14.10 -19.43 -51.88
N GLN A 730 -14.94 -18.42 -51.63
CA GLN A 730 -15.77 -17.81 -52.67
C GLN A 730 -15.01 -16.69 -53.37
N PRO A 731 -15.04 -16.63 -54.70
CA PRO A 731 -14.43 -15.49 -55.40
C PRO A 731 -15.10 -14.19 -54.97
N GLY A 732 -14.30 -13.13 -54.89
CA GLY A 732 -14.82 -11.82 -54.60
C GLY A 732 -14.58 -11.38 -53.17
N LEU A 733 -14.05 -12.28 -52.34
CA LEU A 733 -13.61 -11.93 -51.00
C LEU A 733 -12.22 -11.29 -51.07
N ASP A 734 -11.79 -10.71 -49.95
CA ASP A 734 -10.50 -10.04 -49.95
C ASP A 734 -9.35 -11.03 -50.09
N VAL A 735 -9.40 -12.15 -49.38
CA VAL A 735 -8.39 -13.21 -49.49
C VAL A 735 -9.08 -14.54 -49.75
N TYR A 736 -8.96 -15.06 -50.97
CA TYR A 736 -9.62 -16.30 -51.32
C TYR A 736 -8.72 -17.14 -52.22
N ALA A 737 -9.01 -18.44 -52.26
CA ALA A 737 -8.26 -19.38 -53.08
C ALA A 737 -9.02 -19.74 -54.35
N GLU A 738 -8.28 -19.81 -55.46
CA GLU A 738 -8.77 -20.28 -56.74
C GLU A 738 -7.91 -21.44 -57.22
N ARG A 739 -8.45 -22.23 -58.15
CA ARG A 739 -7.75 -23.38 -58.72
C ARG A 739 -7.28 -24.35 -57.64
N VAL A 740 -8.23 -24.78 -56.82
CA VAL A 740 -7.96 -25.62 -55.65
C VAL A 740 -7.83 -27.06 -56.10
N VAL A 741 -6.67 -27.67 -55.85
CA VAL A 741 -6.44 -29.10 -56.09
C VAL A 741 -6.09 -29.72 -54.74
N THR A 742 -7.01 -30.53 -54.22
CA THR A 742 -6.83 -31.20 -52.94
C THR A 742 -6.33 -32.63 -53.15
N GLN A 743 -5.21 -32.95 -52.51
CA GLN A 743 -4.63 -34.30 -52.54
C GLN A 743 -4.57 -34.85 -51.12
N ALA A 744 -4.09 -36.10 -51.02
CA ALA A 744 -4.07 -36.78 -49.72
C ALA A 744 -3.15 -36.08 -48.73
N HIS A 745 -2.15 -35.36 -49.23
CA HIS A 745 -1.11 -34.79 -48.39
C HIS A 745 -0.99 -33.27 -48.49
N GLY A 746 -1.88 -32.61 -49.21
CA GLY A 746 -1.86 -31.16 -49.28
C GLY A 746 -2.77 -30.64 -50.37
N THR A 747 -2.83 -29.30 -50.43
CA THR A 747 -3.67 -28.56 -51.36
C THR A 747 -2.86 -27.55 -52.17
N GLN A 748 -2.93 -27.64 -53.50
CA GLN A 748 -2.32 -26.63 -54.36
C GLN A 748 -3.42 -25.70 -54.85
N CYS A 749 -3.18 -24.38 -54.76
CA CYS A 749 -4.16 -23.40 -55.17
C CYS A 749 -3.47 -22.08 -55.50
N GLY A 750 -4.14 -21.27 -56.31
CA GLY A 750 -3.83 -19.85 -56.40
C GLY A 750 -4.54 -19.04 -55.35
N VAL A 751 -3.76 -18.27 -54.58
CA VAL A 751 -4.28 -17.41 -53.52
C VAL A 751 -4.39 -15.99 -54.07
N VAL A 752 -5.57 -15.39 -53.94
CA VAL A 752 -5.82 -14.02 -54.39
C VAL A 752 -6.02 -13.15 -53.15
N THR A 753 -5.20 -12.12 -53.03
CA THR A 753 -5.21 -11.17 -51.93
C THR A 753 -5.14 -9.75 -52.46
N PRO A 754 -5.39 -8.75 -51.61
CA PRO A 754 -5.21 -7.36 -52.05
C PRO A 754 -3.79 -7.02 -52.44
N ALA A 755 -2.82 -7.82 -52.02
CA ALA A 755 -1.41 -7.56 -52.28
C ALA A 755 -0.92 -8.25 -53.54
N GLY A 756 -1.78 -9.04 -54.19
CA GLY A 756 -1.48 -9.75 -55.42
C GLY A 756 -1.93 -11.18 -55.33
N SER A 757 -1.54 -11.97 -56.33
CA SER A 757 -1.91 -13.37 -56.43
C SER A 757 -0.64 -14.21 -56.52
N ALA A 758 -0.69 -15.41 -55.92
CA ALA A 758 0.45 -16.31 -55.93
C ALA A 758 -0.03 -17.75 -55.83
N GLY A 759 0.76 -18.66 -56.41
CA GLY A 759 0.50 -20.08 -56.23
C GLY A 759 0.96 -20.56 -54.87
N LEU A 760 0.17 -21.46 -54.28
CA LEU A 760 0.49 -22.05 -52.98
C LEU A 760 0.38 -23.57 -53.03
N ASP A 761 1.48 -24.24 -52.71
CA ASP A 761 1.48 -25.68 -52.45
C ASP A 761 1.49 -25.82 -50.93
N LEU A 762 0.32 -26.04 -50.34
CA LEU A 762 0.22 -26.09 -48.89
C LEU A 762 0.46 -27.54 -48.46
N PRO A 763 1.56 -27.82 -47.76
CA PRO A 763 1.93 -29.21 -47.46
C PRO A 763 1.14 -29.84 -46.32
N VAL A 764 -0.08 -29.37 -46.09
CA VAL A 764 -0.97 -30.02 -45.13
C VAL A 764 -2.31 -30.24 -45.81
N PRO A 765 -2.86 -31.44 -45.73
CA PRO A 765 -4.09 -31.77 -46.47
C PRO A 765 -5.36 -31.28 -45.80
N GLY A 766 -6.37 -31.07 -46.64
CA GLY A 766 -7.70 -30.78 -46.15
C GLY A 766 -8.12 -29.35 -46.40
N LEU A 767 -9.39 -29.17 -46.78
CA LEU A 767 -9.94 -27.85 -47.03
C LEU A 767 -9.92 -27.00 -45.77
N HIS A 768 -10.13 -27.62 -44.60
CA HIS A 768 -10.10 -26.86 -43.35
C HIS A 768 -8.72 -26.25 -43.14
N ASN A 769 -7.66 -26.98 -43.50
CA ASN A 769 -6.31 -26.44 -43.40
C ASN A 769 -6.06 -25.35 -44.43
N LEU A 770 -6.62 -25.50 -45.64
CA LEU A 770 -6.51 -24.42 -46.62
C LEU A 770 -7.13 -23.13 -46.08
N ARG A 771 -8.30 -23.24 -45.42
CA ARG A 771 -8.90 -22.06 -44.80
C ARG A 771 -7.97 -21.49 -43.73
N ASN A 772 -7.39 -22.36 -42.90
CA ASN A 772 -6.43 -21.90 -41.91
C ASN A 772 -5.28 -21.15 -42.57
N ALA A 773 -4.82 -21.63 -43.73
CA ALA A 773 -3.74 -20.98 -44.45
C ALA A 773 -4.17 -19.61 -44.97
N LEU A 774 -5.38 -19.52 -45.51
CA LEU A 774 -5.89 -18.24 -45.99
C LEU A 774 -6.04 -17.24 -44.85
N ALA A 775 -6.51 -17.69 -43.70
CA ALA A 775 -6.57 -16.82 -42.52
C ALA A 775 -5.18 -16.31 -42.17
N ALA A 776 -4.18 -17.19 -42.18
CA ALA A 776 -2.82 -16.78 -41.84
C ALA A 776 -2.29 -15.75 -42.83
N ILE A 777 -2.57 -15.93 -44.13
CA ILE A 777 -2.12 -14.95 -45.12
C ILE A 777 -2.78 -13.60 -44.87
N ALA A 778 -4.09 -13.61 -44.62
CA ALA A 778 -4.79 -12.36 -44.32
C ALA A 778 -4.19 -11.68 -43.10
N CYS A 779 -3.93 -12.44 -42.03
CA CYS A 779 -3.35 -11.85 -40.83
C CYS A 779 -1.93 -11.39 -41.07
N GLY A 780 -1.13 -12.21 -41.75
CA GLY A 780 0.23 -11.80 -42.09
C GLY A 780 0.28 -10.50 -42.89
N LEU A 781 -0.62 -10.37 -43.86
CA LEU A 781 -0.67 -9.14 -44.66
C LEU A 781 -1.12 -7.96 -43.82
N ALA A 782 -2.15 -8.15 -42.98
CA ALA A 782 -2.64 -7.06 -42.13
C ALA A 782 -1.57 -6.60 -41.15
N ALA A 783 -0.72 -7.51 -40.69
CA ALA A 783 0.33 -7.19 -39.73
C ALA A 783 1.54 -6.56 -40.40
N GLY A 784 1.64 -6.62 -41.73
CA GLY A 784 2.69 -5.95 -42.47
C GLY A 784 3.64 -6.88 -43.19
N ALA A 785 3.46 -8.20 -43.12
CA ALA A 785 4.33 -9.12 -43.83
C ALA A 785 4.07 -9.03 -45.34
N PRO A 786 5.11 -8.96 -46.16
CA PRO A 786 4.90 -8.97 -47.62
C PRO A 786 4.32 -10.30 -48.07
N LEU A 787 3.50 -10.22 -49.13
CA LEU A 787 2.80 -11.40 -49.63
C LEU A 787 3.76 -12.55 -49.92
N HIS A 788 4.90 -12.27 -50.56
CA HIS A 788 5.84 -13.33 -50.90
C HIS A 788 6.36 -14.03 -49.64
N THR A 789 6.54 -13.28 -48.55
CA THR A 789 6.95 -13.89 -47.29
C THR A 789 5.86 -14.81 -46.74
N CYS A 790 4.60 -14.38 -46.83
CA CYS A 790 3.50 -15.21 -46.34
C CYS A 790 3.43 -16.53 -47.09
N ILE A 791 3.56 -16.48 -48.42
CA ILE A 791 3.47 -17.69 -49.22
C ILE A 791 4.63 -18.63 -48.92
N ALA A 792 5.85 -18.08 -48.90
CA ALA A 792 7.03 -18.91 -48.62
C ALA A 792 6.92 -19.60 -47.28
N ALA A 793 6.44 -18.89 -46.25
CA ALA A 793 6.32 -19.49 -44.93
C ALA A 793 5.32 -20.64 -44.94
N LEU A 794 4.16 -20.44 -45.58
CA LEU A 794 3.13 -21.46 -45.55
C LEU A 794 3.44 -22.62 -46.49
N ALA A 795 4.09 -22.34 -47.63
CA ALA A 795 4.52 -23.43 -48.51
C ALA A 795 5.47 -24.37 -47.80
N GLY A 796 6.23 -23.86 -46.84
CA GLY A 796 7.20 -24.61 -46.07
C GLY A 796 6.71 -25.02 -44.71
N PHE A 797 5.41 -24.91 -44.44
CA PHE A 797 4.90 -25.14 -43.09
C PHE A 797 4.87 -26.62 -42.72
N GLN A 798 5.30 -26.90 -41.50
CA GLN A 798 5.24 -28.24 -40.90
C GLN A 798 4.21 -28.24 -39.79
N ALA A 799 3.43 -29.32 -39.70
CA ALA A 799 2.38 -29.41 -38.68
C ALA A 799 2.97 -29.30 -37.28
S SO4 B . -11.41 8.07 1.31
O1 SO4 B . -11.20 9.11 0.31
O2 SO4 B . -10.75 6.85 0.88
O3 SO4 B . -10.89 8.51 2.60
O4 SO4 B . -12.85 7.81 1.44
S SO4 C . -8.69 -25.39 -31.91
O1 SO4 C . -7.48 -25.02 -32.64
O2 SO4 C . -9.12 -26.73 -32.31
O3 SO4 C . -9.75 -24.44 -32.22
O4 SO4 C . -8.41 -25.36 -30.48
S SO4 D . -3.35 -23.51 -67.11
O1 SO4 D . -4.20 -22.35 -67.40
O2 SO4 D . -2.68 -23.92 -68.33
O3 SO4 D . -2.37 -23.14 -66.09
O4 SO4 D . -4.19 -24.60 -66.62
S SO4 E . -1.90 18.85 22.62
O1 SO4 E . -2.70 20.06 22.58
O2 SO4 E . -2.04 18.13 21.36
O3 SO4 E . -0.49 19.22 22.83
O4 SO4 E . -2.35 18.01 23.73
S SO4 F . -12.08 -31.20 -44.88
O1 SO4 F . -12.01 -31.21 -46.34
O2 SO4 F . -13.41 -31.60 -44.45
O3 SO4 F . -11.78 -29.87 -44.37
O4 SO4 F . -11.10 -32.14 -44.34
S SO4 G . -6.64 -6.54 31.86
O1 SO4 G . -7.62 -5.70 31.18
O2 SO4 G . -5.65 -6.98 30.89
O3 SO4 G . -5.99 -5.79 32.93
O4 SO4 G . -7.33 -7.71 32.43
S SO4 H . -15.25 2.77 6.04
O1 SO4 H . -16.27 3.38 5.19
O2 SO4 H . -14.58 1.71 5.29
O3 SO4 H . -14.27 3.78 6.46
O4 SO4 H . -15.88 2.20 7.23
S SO4 I . 3.90 35.12 30.27
O1 SO4 I . 4.35 36.28 29.53
O2 SO4 I . 3.25 34.18 29.38
O3 SO4 I . 5.05 34.45 30.89
O4 SO4 I . 2.95 35.55 31.30
S SO4 J . -1.41 -20.90 -60.18
O1 SO4 J . -2.25 -20.17 -61.12
O2 SO4 J . -0.91 -22.14 -60.79
O3 SO4 J . -0.26 -20.06 -59.83
O4 SO4 J . -2.22 -21.24 -59.01
#